data_2QYI
#
_entry.id   2QYI
#
_cell.length_a   143.694
_cell.length_b   77.437
_cell.length_c   72.907
_cell.angle_alpha   90.000
_cell.angle_beta   103.000
_cell.angle_gamma   90.000
#
_symmetry.space_group_name_H-M   'C 1 2 1'
#
loop_
_entity.id
_entity.type
_entity.pdbx_description
1 polymer 'Cationic trypsin'
2 polymer 'Chymotrypsin inhibitor 3'
3 non-polymer 'CALCIUM ION'
4 non-polymer 'NICKEL (II) ION'
5 water water
#
loop_
_entity_poly.entity_id
_entity_poly.type
_entity_poly.pdbx_seq_one_letter_code
_entity_poly.pdbx_strand_id
1 'polypeptide(L)'
;IVGGYTCGANTVPYQVSLNSGYHFCGGSLINSQWVVSAAHCYKSGIQVRLGEDNINVVEGNEQFISASKSIVHPSYNSNT
LNNDIMLIKLKSAASLNSRVASISLPTSCASAGTQCLISGWGNTKSSGTSYPDVLKCLKAPILSDSSCKSAYPGQITSNM
FCAGYLEGGKDSCQGDSGGPVVCSGKLQGIVSWGSGCAQKNKPGVYTKVCNYVSWIKQTIASN
;
A,C
2 'polypeptide(L)'
;DDDLVDAEGNLVENGGTYYLLPHIWAHGGGIETAKTGNEPCPLTVVRSPNEVSKGEPIRISSQFRSLFIPRGSLVALGFA
NPPSCAASPWWTVVDSPQGPAVKLSQQKLPEKDILVFKFEKVSHSNIHVYKLLYCQHDEEDVKCDQYIGIHRDRNGNRRL
VVTEENPLELVLLKAKSETASSH
;
B,D
#
loop_
_chem_comp.id
_chem_comp.type
_chem_comp.name
_chem_comp.formula
CA non-polymer 'CALCIUM ION' 'Ca 2'
NI non-polymer 'NICKEL (II) ION' 'Ni 2'
#
# COMPACT_ATOMS: atom_id res chain seq x y z
N ILE A 1 13.27 -10.10 8.03
CA ILE A 1 13.76 -10.22 6.63
C ILE A 1 12.60 -10.32 5.64
N VAL A 2 12.63 -9.52 4.58
CA VAL A 2 11.58 -9.56 3.56
C VAL A 2 12.12 -10.19 2.28
N GLY A 3 11.36 -11.08 1.68
CA GLY A 3 11.79 -11.75 0.47
C GLY A 3 12.92 -12.73 0.69
N GLY A 4 13.03 -13.26 1.91
CA GLY A 4 14.08 -14.22 2.23
C GLY A 4 13.57 -15.66 2.30
N TYR A 5 14.30 -16.51 3.02
CA TYR A 5 13.92 -17.90 3.15
C TYR A 5 14.23 -18.40 4.55
N THR A 6 13.66 -19.54 4.93
CA THR A 6 13.93 -20.13 6.24
C THR A 6 15.37 -20.68 6.26
N CYS A 7 16.22 -20.10 7.11
CA CYS A 7 17.62 -20.52 7.18
C CYS A 7 17.85 -22.01 7.43
N GLY A 8 17.34 -22.50 8.55
CA GLY A 8 17.52 -23.87 8.94
C GLY A 8 18.04 -23.82 10.37
N ALA A 9 17.43 -24.58 11.26
CA ALA A 9 17.85 -24.58 12.66
C ALA A 9 19.36 -24.53 12.83
N ASN A 10 19.83 -23.52 13.56
CA ASN A 10 21.25 -23.38 13.81
C ASN A 10 22.17 -23.40 12.58
N THR A 11 21.68 -22.92 11.44
CA THR A 11 22.53 -22.89 10.25
C THR A 11 23.29 -21.57 10.27
N VAL A 12 22.92 -20.69 11.20
CA VAL A 12 23.54 -19.39 11.39
C VAL A 12 23.94 -19.29 12.86
N PRO A 13 24.89 -20.14 13.28
CA PRO A 13 25.44 -20.27 14.63
C PRO A 13 25.84 -18.99 15.35
N TYR A 14 26.19 -17.96 14.59
CA TYR A 14 26.62 -16.71 15.18
C TYR A 14 25.46 -15.76 15.43
N GLN A 15 24.28 -16.08 14.92
CA GLN A 15 23.12 -15.22 15.13
C GLN A 15 22.59 -15.37 16.54
N VAL A 16 22.52 -14.27 17.29
CA VAL A 16 22.00 -14.30 18.64
C VAL A 16 20.77 -13.40 18.70
N SER A 17 19.97 -13.57 19.74
CA SER A 17 18.79 -12.74 19.85
C SER A 17 18.79 -11.94 21.15
N LEU A 18 18.80 -10.61 21.05
CA LEU A 18 18.77 -9.79 22.24
C LEU A 18 17.32 -9.81 22.73
N ASN A 19 17.13 -10.27 23.97
CA ASN A 19 15.81 -10.39 24.55
C ASN A 19 15.50 -9.50 25.75
N SER A 20 14.29 -8.98 25.77
CA SER A 20 13.82 -8.11 26.84
C SER A 20 12.41 -8.53 27.24
N GLY A 21 12.25 -9.82 27.52
CA GLY A 21 10.95 -10.36 27.87
C GLY A 21 10.41 -10.90 26.58
N TYR A 22 11.03 -10.44 25.49
CA TYR A 22 10.69 -10.82 24.14
C TYR A 22 11.83 -10.35 23.26
N HIS A 23 11.88 -10.86 22.03
CA HIS A 23 12.92 -10.49 21.08
C HIS A 23 12.79 -9.05 20.62
N PHE A 24 13.89 -8.30 20.62
CA PHE A 24 13.82 -6.92 20.16
C PHE A 24 14.92 -6.54 19.17
N CYS A 25 15.99 -7.32 19.12
CA CYS A 25 17.10 -7.07 18.20
C CYS A 25 17.94 -8.30 17.96
N GLY A 26 18.80 -8.19 16.95
CA GLY A 26 19.68 -9.28 16.62
C GLY A 26 21.05 -8.93 17.18
N GLY A 27 22.00 -9.84 17.02
CA GLY A 27 23.34 -9.60 17.50
C GLY A 27 24.23 -10.60 16.81
N SER A 28 25.53 -10.48 17.01
CA SER A 28 26.46 -11.42 16.41
C SER A 28 27.53 -11.81 17.42
N LEU A 29 27.86 -13.10 17.45
CA LEU A 29 28.88 -13.59 18.37
C LEU A 29 30.26 -13.52 17.73
N ILE A 30 31.19 -12.85 18.41
CA ILE A 30 32.56 -12.74 17.91
C ILE A 30 33.57 -13.48 18.78
N ASN A 31 33.09 -14.00 19.91
CA ASN A 31 33.88 -14.78 20.86
C ASN A 31 32.99 -15.19 22.03
N SER A 32 33.37 -16.28 22.72
CA SER A 32 32.61 -16.81 23.86
C SER A 32 31.99 -15.79 24.84
N GLN A 33 32.51 -14.57 24.88
CA GLN A 33 31.96 -13.59 25.83
C GLN A 33 31.53 -12.25 25.22
N TRP A 34 31.71 -12.07 23.92
CA TRP A 34 31.31 -10.81 23.30
C TRP A 34 30.37 -10.90 22.10
N VAL A 35 29.29 -10.11 22.18
CA VAL A 35 28.30 -10.02 21.12
C VAL A 35 28.26 -8.60 20.57
N VAL A 36 28.28 -8.51 19.25
CA VAL A 36 28.23 -7.22 18.58
C VAL A 36 26.87 -7.02 17.91
N SER A 37 26.18 -5.95 18.29
CA SER A 37 24.87 -5.61 17.75
C SER A 37 24.94 -4.13 17.37
N ALA A 38 23.79 -3.45 17.33
CA ALA A 38 23.75 -2.03 16.99
C ALA A 38 23.56 -1.14 18.23
N ALA A 39 23.95 0.11 18.10
CA ALA A 39 23.84 1.05 19.21
C ALA A 39 22.39 1.34 19.57
N HIS A 40 21.56 1.62 18.57
CA HIS A 40 20.17 1.94 18.83
C HIS A 40 19.42 0.80 19.48
N CYS A 41 20.07 -0.35 19.60
CA CYS A 41 19.44 -1.52 20.25
C CYS A 41 19.81 -1.57 21.73
N TYR A 42 20.46 -0.52 22.21
CA TYR A 42 20.86 -0.49 23.60
C TYR A 42 19.71 -0.44 24.58
N LYS A 43 19.78 -1.33 25.56
CA LYS A 43 18.80 -1.42 26.62
C LYS A 43 19.52 -1.76 27.92
N SER A 44 18.74 -1.77 29.01
CA SER A 44 19.27 -2.12 30.31
C SER A 44 18.83 -3.56 30.58
N GLY A 45 19.69 -4.34 31.22
CA GLY A 45 19.33 -5.71 31.53
C GLY A 45 19.05 -6.64 30.37
N ILE A 46 19.75 -6.46 29.24
CA ILE A 46 19.53 -7.33 28.09
C ILE A 46 19.92 -8.79 28.39
N GLN A 47 19.13 -9.71 27.86
CA GLN A 47 19.41 -11.12 28.02
C GLN A 47 19.72 -11.66 26.62
N VAL A 48 20.92 -12.20 26.45
CA VAL A 48 21.34 -12.75 25.18
C VAL A 48 20.96 -14.23 25.07
N ARG A 49 20.16 -14.56 24.07
CA ARG A 49 19.72 -15.92 23.87
C ARG A 49 20.47 -16.51 22.69
N LEU A 50 21.38 -17.43 22.96
CA LEU A 50 22.19 -18.07 21.92
C LEU A 50 21.58 -19.39 21.42
N GLY A 51 22.08 -19.87 20.28
CA GLY A 51 21.59 -21.11 19.72
C GLY A 51 20.10 -21.16 19.37
N GLU A 52 19.52 -20.03 18.99
CA GLU A 52 18.09 -20.00 18.66
C GLU A 52 17.73 -20.29 17.20
N ASP A 53 16.43 -20.49 16.98
CA ASP A 53 15.84 -20.67 15.66
C ASP A 53 14.41 -20.18 15.89
N ASN A 54 13.61 -21.02 16.53
CA ASN A 54 12.25 -20.64 16.88
C ASN A 54 12.43 -19.89 18.21
N ILE A 55 12.29 -18.56 18.18
CA ILE A 55 12.48 -17.77 19.38
C ILE A 55 11.31 -17.84 20.34
N ASN A 56 10.22 -18.42 19.89
CA ASN A 56 9.04 -18.52 20.75
C ASN A 56 8.84 -19.91 21.33
N VAL A 57 9.68 -20.85 20.94
CA VAL A 57 9.58 -22.20 21.46
C VAL A 57 10.96 -22.71 21.88
N VAL A 58 11.00 -23.52 22.93
CA VAL A 58 12.25 -24.08 23.40
C VAL A 58 12.47 -25.40 22.68
N GLU A 59 13.61 -25.54 22.02
CA GLU A 59 13.91 -26.77 21.29
C GLU A 59 15.07 -27.56 21.85
N GLY A 60 15.77 -27.00 22.83
CA GLY A 60 16.86 -27.74 23.44
C GLY A 60 18.29 -27.28 23.21
N ASN A 61 18.50 -26.35 22.28
CA ASN A 61 19.84 -25.89 22.03
C ASN A 61 20.14 -24.48 22.52
N GLU A 62 19.13 -23.82 23.07
CA GLU A 62 19.31 -22.45 23.54
C GLU A 62 20.41 -22.31 24.59
N GLN A 63 20.77 -21.05 24.85
CA GLN A 63 21.75 -20.66 25.85
C GLN A 63 21.47 -19.20 26.22
N PHE A 64 20.74 -18.99 27.31
CA PHE A 64 20.42 -17.64 27.76
C PHE A 64 21.50 -17.15 28.72
N ILE A 65 22.13 -16.03 28.39
CA ILE A 65 23.17 -15.45 29.23
C ILE A 65 22.95 -13.95 29.29
N SER A 66 22.64 -13.47 30.49
CA SER A 66 22.38 -12.05 30.71
C SER A 66 23.60 -11.15 30.46
N ALA A 67 23.33 -9.94 30.01
CA ALA A 67 24.38 -8.97 29.70
C ALA A 67 24.95 -8.41 30.98
N SER A 68 26.28 -8.39 31.08
CA SER A 68 26.92 -7.86 32.28
C SER A 68 27.39 -6.42 32.07
N LYS A 69 27.59 -6.01 30.82
CA LYS A 69 28.00 -4.67 30.47
C LYS A 69 27.63 -4.47 29.01
N SER A 70 26.92 -3.39 28.71
CA SER A 70 26.51 -3.07 27.35
C SER A 70 27.15 -1.77 26.93
N ILE A 71 28.23 -1.90 26.17
CA ILE A 71 28.98 -0.73 25.70
C ILE A 71 28.62 -0.20 24.30
N VAL A 72 27.87 0.90 24.25
CA VAL A 72 27.47 1.52 22.98
C VAL A 72 28.63 2.39 22.49
N HIS A 73 28.78 2.57 21.19
CA HIS A 73 29.89 3.36 20.66
C HIS A 73 29.95 4.78 21.17
N PRO A 74 31.15 5.24 21.53
CA PRO A 74 31.37 6.59 22.05
C PRO A 74 31.00 7.75 21.14
N SER A 75 31.07 7.56 19.82
CA SER A 75 30.71 8.64 18.90
C SER A 75 29.35 8.42 18.25
N TYR A 76 28.64 7.41 18.74
CA TYR A 76 27.32 7.09 18.23
C TYR A 76 26.38 8.29 18.25
N ASN A 77 25.76 8.56 17.11
CA ASN A 77 24.81 9.66 17.00
C ASN A 77 23.45 9.17 16.50
N SER A 78 22.45 9.18 17.39
CA SER A 78 21.10 8.74 17.06
C SER A 78 20.40 9.63 16.03
N ASN A 79 20.77 10.89 15.96
CA ASN A 79 20.14 11.82 15.01
C ASN A 79 20.61 11.56 13.59
N THR A 80 21.82 11.02 13.46
CA THR A 80 22.39 10.74 12.17
C THR A 80 22.54 9.25 11.93
N LEU A 81 22.11 8.45 12.91
CA LEU A 81 22.19 7.01 12.78
C LEU A 81 23.63 6.60 12.47
N ASN A 82 24.57 7.46 12.89
CA ASN A 82 26.01 7.29 12.66
C ASN A 82 26.72 6.52 13.80
N ASN A 83 27.65 5.65 13.43
CA ASN A 83 28.39 4.81 14.40
C ASN A 83 27.42 3.96 15.18
N ASP A 84 26.53 3.31 14.45
CA ASP A 84 25.51 2.46 15.06
C ASP A 84 26.08 1.09 15.37
N ILE A 85 26.93 1.03 16.38
CA ILE A 85 27.57 -0.21 16.79
C ILE A 85 27.59 -0.34 18.31
N MET A 86 27.27 -1.52 18.82
CA MET A 86 27.29 -1.75 20.25
C MET A 86 28.05 -3.03 20.57
N LEU A 87 28.64 -3.07 21.76
CA LEU A 87 29.39 -4.24 22.21
C LEU A 87 28.77 -4.76 23.48
N ILE A 88 28.40 -6.04 23.48
CA ILE A 88 27.81 -6.64 24.66
C ILE A 88 28.71 -7.73 25.20
N LYS A 89 29.04 -7.62 26.50
CA LYS A 89 29.86 -8.62 27.15
C LYS A 89 28.92 -9.48 27.99
N LEU A 90 29.07 -10.79 27.90
CA LEU A 90 28.22 -11.71 28.65
C LEU A 90 28.83 -11.90 30.04
N LYS A 91 28.00 -12.32 31.00
CA LYS A 91 28.47 -12.55 32.35
C LYS A 91 28.99 -13.98 32.49
N SER A 92 28.59 -14.82 31.55
CA SER A 92 28.97 -16.21 31.53
C SER A 92 29.39 -16.55 30.11
N ALA A 93 30.58 -17.15 29.96
CA ALA A 93 31.10 -17.51 28.64
C ALA A 93 30.21 -18.53 27.95
N ALA A 94 29.78 -18.22 26.74
CA ALA A 94 28.94 -19.13 26.00
C ALA A 94 29.74 -20.42 25.76
N SER A 95 29.04 -21.55 25.69
CA SER A 95 29.70 -22.82 25.43
C SER A 95 29.72 -22.94 23.92
N LEU A 96 30.90 -23.00 23.33
CA LEU A 96 30.98 -23.10 21.89
C LEU A 96 30.82 -24.52 21.35
N ASN A 97 29.89 -24.68 20.42
CA ASN A 97 29.63 -25.96 19.79
C ASN A 97 29.41 -25.71 18.32
N SER A 98 28.66 -26.59 17.66
CA SER A 98 28.40 -26.44 16.24
C SER A 98 27.21 -25.52 15.97
N ARG A 99 26.38 -25.34 16.99
CA ARG A 99 25.17 -24.53 16.86
C ARG A 99 25.37 -23.14 17.45
N VAL A 100 26.51 -22.95 18.12
CA VAL A 100 26.81 -21.67 18.74
C VAL A 100 28.28 -21.35 18.49
N ALA A 101 28.54 -20.59 17.43
CA ALA A 101 29.90 -20.23 17.07
C ALA A 101 30.10 -18.75 16.77
N SER A 102 31.34 -18.30 16.92
CA SER A 102 31.70 -16.92 16.66
C SER A 102 31.97 -16.68 15.18
N ILE A 103 31.70 -15.46 14.72
CA ILE A 103 31.95 -15.08 13.34
C ILE A 103 33.17 -14.18 13.49
N SER A 104 34.13 -14.28 12.59
CA SER A 104 35.32 -13.44 12.75
C SER A 104 35.17 -12.03 12.21
N LEU A 105 35.90 -11.12 12.85
CA LEU A 105 35.89 -9.73 12.46
C LEU A 105 36.43 -9.57 11.06
N PRO A 106 35.91 -8.59 10.31
CA PRO A 106 36.36 -8.36 8.94
C PRO A 106 37.83 -8.00 8.90
N THR A 107 38.48 -8.29 7.78
CA THR A 107 39.89 -7.98 7.64
C THR A 107 40.05 -6.99 6.48
N SER A 108 38.92 -6.71 5.81
CA SER A 108 38.86 -5.78 4.69
C SER A 108 37.46 -5.16 4.67
N CYS A 109 37.25 -4.15 3.84
CA CYS A 109 35.94 -3.55 3.72
C CYS A 109 35.43 -4.01 2.36
N ALA A 110 34.61 -5.06 2.34
CA ALA A 110 34.06 -5.63 1.11
C ALA A 110 33.58 -4.61 0.07
N SER A 111 33.97 -4.82 -1.17
CA SER A 111 33.58 -3.91 -2.25
C SER A 111 32.18 -4.20 -2.79
N ALA A 112 31.70 -3.32 -3.65
CA ALA A 112 30.37 -3.50 -4.25
C ALA A 112 30.38 -4.79 -5.06
N GLY A 113 29.28 -5.52 -4.98
CA GLY A 113 29.18 -6.76 -5.71
C GLY A 113 29.43 -7.96 -4.81
N THR A 114 30.12 -7.73 -3.69
CA THR A 114 30.43 -8.81 -2.76
C THR A 114 29.11 -9.41 -2.29
N GLN A 115 29.07 -10.74 -2.23
CA GLN A 115 27.87 -11.43 -1.79
C GLN A 115 27.86 -11.72 -0.29
N CYS A 116 26.72 -11.43 0.35
CA CYS A 116 26.56 -11.62 1.80
C CYS A 116 25.26 -12.30 2.21
N LEU A 117 25.20 -12.64 3.49
CA LEU A 117 24.02 -13.29 4.04
C LEU A 117 23.49 -12.42 5.20
N ILE A 118 22.30 -11.87 5.02
CA ILE A 118 21.67 -11.06 6.05
C ILE A 118 20.59 -11.92 6.67
N SER A 119 20.55 -11.96 8.00
CA SER A 119 19.59 -12.77 8.73
C SER A 119 18.96 -12.08 9.94
N GLY A 120 17.89 -12.66 10.44
CA GLY A 120 17.21 -12.09 11.60
C GLY A 120 15.78 -12.55 11.70
N TRP A 121 15.11 -12.14 12.79
CA TRP A 121 13.73 -12.50 13.05
C TRP A 121 12.78 -11.34 12.78
N GLY A 122 13.26 -10.36 12.03
CA GLY A 122 12.45 -9.19 11.74
C GLY A 122 11.23 -9.45 10.90
N ASN A 123 10.50 -8.38 10.60
CA ASN A 123 9.28 -8.43 9.79
C ASN A 123 9.57 -8.96 8.38
N THR A 124 8.60 -9.69 7.80
CA THR A 124 8.78 -10.27 6.47
C THR A 124 7.87 -9.69 5.40
N LYS A 125 7.28 -8.53 5.67
CA LYS A 125 6.40 -7.86 4.71
C LYS A 125 6.81 -6.40 4.58
N SER A 126 6.93 -5.92 3.35
CA SER A 126 7.30 -4.53 3.12
C SER A 126 6.10 -3.71 3.59
N SER A 127 4.92 -4.13 3.14
CA SER A 127 3.67 -3.49 3.50
C SER A 127 2.93 -4.48 4.38
N GLY A 128 2.69 -4.08 5.63
CA GLY A 128 2.01 -4.95 6.57
C GLY A 128 3.01 -5.50 7.55
N THR A 129 2.54 -6.36 8.46
CA THR A 129 3.42 -6.97 9.46
C THR A 129 3.21 -8.47 9.55
N SER A 130 4.31 -9.18 9.77
CA SER A 130 4.27 -10.63 9.89
C SER A 130 5.63 -11.03 10.47
N TYR A 131 5.65 -11.41 11.74
CA TYR A 131 6.90 -11.79 12.38
C TYR A 131 7.03 -13.30 12.49
N PRO A 132 8.15 -13.85 11.99
CA PRO A 132 8.46 -15.28 11.99
C PRO A 132 8.89 -15.90 13.32
N ASP A 133 8.69 -17.21 13.44
CA ASP A 133 9.09 -17.92 14.65
C ASP A 133 10.54 -18.34 14.45
N VAL A 134 10.85 -18.76 13.23
CA VAL A 134 12.20 -19.20 12.89
C VAL A 134 13.02 -18.10 12.23
N LEU A 135 14.33 -18.21 12.33
CA LEU A 135 15.25 -17.24 11.73
C LEU A 135 15.12 -17.27 10.22
N LYS A 136 15.04 -16.09 9.61
CA LYS A 136 14.94 -15.98 8.16
C LYS A 136 16.31 -15.61 7.61
N CYS A 137 16.52 -15.87 6.33
CA CYS A 137 17.79 -15.58 5.68
C CYS A 137 17.58 -14.87 4.35
N LEU A 138 18.57 -14.06 3.99
CA LEU A 138 18.56 -13.32 2.72
C LEU A 138 19.96 -13.17 2.15
N LYS A 139 20.14 -13.62 0.92
CA LYS A 139 21.43 -13.49 0.26
C LYS A 139 21.32 -12.19 -0.51
N ALA A 140 22.23 -11.27 -0.24
CA ALA A 140 22.22 -9.97 -0.89
C ALA A 140 23.64 -9.47 -1.11
N PRO A 141 23.84 -8.70 -2.19
CA PRO A 141 25.14 -8.13 -2.55
C PRO A 141 25.26 -6.69 -2.06
N ILE A 142 26.49 -6.27 -1.77
CA ILE A 142 26.74 -4.90 -1.32
C ILE A 142 26.58 -4.01 -2.54
N LEU A 143 25.81 -2.92 -2.39
CA LEU A 143 25.57 -2.00 -3.50
C LEU A 143 26.63 -0.89 -3.56
N SER A 144 26.82 -0.31 -4.75
CA SER A 144 27.81 0.74 -4.92
C SER A 144 27.59 1.87 -3.95
N ASP A 145 28.68 2.47 -3.49
CA ASP A 145 28.58 3.56 -2.55
C ASP A 145 27.74 4.69 -3.15
N SER A 146 27.89 4.90 -4.45
CA SER A 146 27.15 5.93 -5.15
C SER A 146 25.64 5.61 -5.24
N SER A 147 25.29 4.33 -5.37
CA SER A 147 23.89 3.93 -5.42
C SER A 147 23.29 4.22 -4.04
N CYS A 148 24.13 4.05 -3.03
CA CYS A 148 23.73 4.27 -1.65
C CYS A 148 23.38 5.73 -1.39
N LYS A 149 24.30 6.63 -1.75
CA LYS A 149 24.09 8.06 -1.54
C LYS A 149 22.93 8.65 -2.35
N SER A 150 22.69 8.11 -3.53
CA SER A 150 21.60 8.59 -4.39
C SER A 150 20.25 8.22 -3.80
N ALA A 151 20.19 7.02 -3.22
CA ALA A 151 18.97 6.50 -2.61
C ALA A 151 18.66 7.18 -1.27
N TYR A 152 19.69 7.64 -0.58
CA TYR A 152 19.54 8.30 0.71
C TYR A 152 20.31 9.61 0.76
N PRO A 153 19.87 10.61 0.00
CA PRO A 153 20.50 11.92 -0.08
C PRO A 153 20.93 12.50 1.27
N GLY A 154 22.21 12.83 1.36
CA GLY A 154 22.76 13.41 2.57
C GLY A 154 22.62 12.58 3.83
N GLN A 155 22.57 11.26 3.71
CA GLN A 155 22.45 10.42 4.90
C GLN A 155 23.57 9.44 5.06
N ILE A 156 24.19 9.07 3.96
CA ILE A 156 25.28 8.10 3.96
C ILE A 156 26.64 8.68 4.38
N THR A 157 27.23 8.05 5.40
CA THR A 157 28.55 8.47 5.86
C THR A 157 29.48 7.28 5.61
N SER A 158 30.78 7.49 5.75
CA SER A 158 31.74 6.42 5.52
C SER A 158 31.60 5.25 6.47
N ASN A 159 30.80 5.42 7.51
CA ASN A 159 30.60 4.34 8.47
C ASN A 159 29.41 3.45 8.11
N MET A 160 28.80 3.72 6.96
CA MET A 160 27.64 2.94 6.52
C MET A 160 27.83 2.37 5.12
N PHE A 161 26.95 1.46 4.73
CA PHE A 161 26.99 0.91 3.38
C PHE A 161 25.69 0.18 3.04
N CYS A 162 25.26 0.32 1.79
CA CYS A 162 24.02 -0.32 1.32
C CYS A 162 24.27 -1.74 0.79
N ALA A 163 23.27 -2.59 1.00
CA ALA A 163 23.31 -3.97 0.53
C ALA A 163 21.86 -4.33 0.20
N GLY A 164 21.67 -5.11 -0.86
CA GLY A 164 20.34 -5.50 -1.24
C GLY A 164 20.00 -5.38 -2.72
N TYR A 165 18.79 -4.91 -3.00
CA TYR A 165 18.33 -4.78 -4.39
C TYR A 165 17.61 -3.47 -4.62
N LEU A 166 18.18 -2.64 -5.48
CA LEU A 166 17.60 -1.33 -5.78
C LEU A 166 16.18 -1.40 -6.32
N GLU A 167 15.80 -2.56 -6.81
CA GLU A 167 14.47 -2.75 -7.37
C GLU A 167 13.48 -3.09 -6.27
N GLY A 168 13.99 -3.45 -5.09
CA GLY A 168 13.13 -3.78 -3.95
C GLY A 168 12.80 -5.25 -3.74
N GLY A 169 11.72 -5.50 -3.01
CA GLY A 169 11.27 -6.86 -2.76
C GLY A 169 12.08 -7.80 -1.89
N LYS A 170 13.37 -7.51 -1.72
CA LYS A 170 14.25 -8.33 -0.90
C LYS A 170 15.06 -7.38 0.00
N ASP A 171 14.94 -7.54 1.31
CA ASP A 171 15.63 -6.61 2.21
C ASP A 171 15.53 -7.03 3.69
N SER A 172 16.13 -6.24 4.58
CA SER A 172 16.06 -6.52 6.02
C SER A 172 14.96 -5.58 6.51
N CYS A 173 14.45 -5.79 7.71
CA CYS A 173 13.35 -4.97 8.18
C CYS A 173 13.34 -4.82 9.69
N GLN A 174 12.33 -4.12 10.20
CA GLN A 174 12.16 -3.90 11.64
C GLN A 174 12.25 -5.24 12.35
N GLY A 175 13.06 -5.30 13.40
CA GLY A 175 13.21 -6.54 14.13
C GLY A 175 14.45 -7.29 13.70
N ASP A 176 15.21 -6.68 12.79
CA ASP A 176 16.43 -7.30 12.30
C ASP A 176 17.65 -6.56 12.85
N SER A 177 17.40 -5.38 13.40
CA SER A 177 18.40 -4.49 13.99
C SER A 177 19.48 -5.13 14.83
N GLY A 178 20.70 -4.64 14.68
CA GLY A 178 21.82 -5.17 15.42
C GLY A 178 22.21 -6.50 14.80
N GLY A 179 21.41 -6.93 13.82
CA GLY A 179 21.64 -8.19 13.14
C GLY A 179 22.94 -8.26 12.34
N PRO A 180 23.36 -9.46 11.91
CA PRO A 180 24.58 -9.71 11.13
C PRO A 180 24.50 -9.64 9.60
N VAL A 181 25.62 -9.25 9.02
CA VAL A 181 25.80 -9.18 7.57
C VAL A 181 27.15 -9.89 7.37
N VAL A 182 27.12 -11.18 7.08
CA VAL A 182 28.36 -11.95 6.90
C VAL A 182 28.67 -12.18 5.42
N CYS A 183 29.77 -11.59 4.96
CA CYS A 183 30.16 -11.75 3.57
C CYS A 183 31.41 -12.61 3.49
N SER A 184 31.22 -13.86 3.09
CA SER A 184 32.34 -14.77 2.95
C SER A 184 33.07 -14.93 4.27
N GLY A 185 32.40 -15.56 5.24
CA GLY A 185 32.99 -15.83 6.54
C GLY A 185 33.31 -14.68 7.47
N LYS A 186 33.18 -13.43 7.02
CA LYS A 186 33.49 -12.32 7.92
C LYS A 186 32.37 -11.32 8.17
N LEU A 187 32.32 -10.78 9.38
CA LEU A 187 31.30 -9.83 9.76
C LEU A 187 31.55 -8.44 9.13
N GLN A 188 30.91 -8.16 8.00
CA GLN A 188 31.06 -6.89 7.31
C GLN A 188 30.10 -5.79 7.79
N GLY A 189 28.91 -6.16 8.23
CA GLY A 189 27.99 -5.14 8.68
C GLY A 189 26.95 -5.55 9.70
N ILE A 190 26.29 -4.53 10.26
CA ILE A 190 25.24 -4.72 11.25
C ILE A 190 23.96 -4.08 10.71
N VAL A 191 22.84 -4.80 10.79
CA VAL A 191 21.58 -4.26 10.32
C VAL A 191 21.29 -3.02 11.12
N SER A 192 21.25 -1.87 10.44
CA SER A 192 21.03 -0.61 11.11
C SER A 192 19.69 0.06 10.77
N TRP A 193 19.64 0.72 9.61
CA TRP A 193 18.44 1.43 9.21
C TRP A 193 18.04 1.28 7.73
N GLY A 194 17.16 2.18 7.32
CA GLY A 194 16.66 2.19 5.96
C GLY A 194 15.33 2.91 5.99
N SER A 195 14.71 3.08 4.83
CA SER A 195 13.42 3.74 4.75
C SER A 195 12.43 2.68 4.37
N GLY A 196 11.53 2.35 5.30
CA GLY A 196 10.57 1.31 5.04
C GLY A 196 11.34 0.01 4.90
N CYS A 197 10.84 -0.91 4.09
CA CYS A 197 11.51 -2.19 3.88
C CYS A 197 11.26 -2.71 2.47
N ALA A 198 12.32 -3.15 1.82
CA ALA A 198 12.22 -3.71 0.47
C ALA A 198 11.56 -2.79 -0.54
N GLN A 199 11.69 -1.49 -0.33
CA GLN A 199 11.09 -0.52 -1.23
C GLN A 199 12.00 -0.23 -2.43
N LYS A 200 11.44 0.35 -3.48
CA LYS A 200 12.20 0.65 -4.68
C LYS A 200 13.24 1.75 -4.48
N ASN A 201 14.47 1.45 -4.86
CA ASN A 201 15.57 2.42 -4.72
C ASN A 201 15.70 2.89 -3.27
N LYS A 202 15.50 1.96 -2.34
CA LYS A 202 15.60 2.28 -0.92
C LYS A 202 16.20 1.07 -0.22
N PRO A 203 17.46 0.74 -0.53
CA PRO A 203 18.16 -0.39 0.07
C PRO A 203 18.42 -0.27 1.56
N GLY A 204 18.82 -1.39 2.17
CA GLY A 204 19.11 -1.38 3.59
C GLY A 204 20.48 -0.77 3.87
N VAL A 205 20.56 -0.01 4.95
CA VAL A 205 21.82 0.59 5.31
C VAL A 205 22.40 -0.21 6.46
N TYR A 206 23.69 -0.52 6.37
CA TYR A 206 24.36 -1.30 7.41
C TYR A 206 25.62 -0.64 7.97
N THR A 207 25.81 -0.78 9.28
CA THR A 207 27.00 -0.20 9.89
C THR A 207 28.19 -0.91 9.28
N LYS A 208 29.15 -0.14 8.77
CA LYS A 208 30.35 -0.70 8.16
C LYS A 208 31.36 -1.10 9.25
N VAL A 209 31.21 -2.32 9.74
CA VAL A 209 32.06 -2.89 10.78
C VAL A 209 33.58 -2.73 10.61
N CYS A 210 34.07 -2.83 9.37
CA CYS A 210 35.50 -2.72 9.13
C CYS A 210 36.12 -1.45 9.74
N ASN A 211 35.31 -0.43 9.97
CA ASN A 211 35.82 0.82 10.56
C ASN A 211 35.91 0.76 12.09
N TYR A 212 35.51 -0.35 12.69
CA TYR A 212 35.52 -0.42 14.16
C TYR A 212 36.40 -1.51 14.74
N VAL A 213 37.11 -2.23 13.87
CA VAL A 213 37.98 -3.31 14.31
C VAL A 213 38.89 -2.83 15.43
N SER A 214 39.32 -1.57 15.34
CA SER A 214 40.19 -0.99 16.36
C SER A 214 39.41 -0.77 17.67
N TRP A 215 38.21 -0.19 17.55
CA TRP A 215 37.42 0.07 18.73
C TRP A 215 37.06 -1.21 19.46
N ILE A 216 36.63 -2.21 18.70
CA ILE A 216 36.23 -3.48 19.30
C ILE A 216 37.37 -4.13 20.09
N LYS A 217 38.61 -3.99 19.64
CA LYS A 217 39.72 -4.59 20.33
C LYS A 217 40.22 -3.74 21.52
N GLN A 218 40.02 -2.39 21.51
CA GLN A 218 40.43 -1.52 22.62
C GLN A 218 39.47 -1.90 23.74
N THR A 219 38.22 -2.17 23.34
CA THR A 219 37.14 -2.51 24.25
C THR A 219 37.30 -3.87 24.91
N ILE A 220 37.42 -4.90 24.09
CA ILE A 220 37.56 -6.25 24.58
C ILE A 220 38.79 -6.47 25.45
N ALA A 221 39.83 -5.67 25.24
CA ALA A 221 41.04 -5.85 26.05
C ALA A 221 40.87 -5.19 27.41
N SER A 222 40.31 -3.98 27.43
CA SER A 222 40.12 -3.24 28.67
C SER A 222 38.81 -3.55 29.41
N ASN A 223 38.21 -4.69 29.10
CA ASN A 223 36.97 -5.11 29.76
C ASN A 223 36.97 -6.60 29.99
N ASP B 1 13.55 -0.57 27.07
CA ASP B 1 13.29 0.25 28.26
C ASP B 1 13.50 1.74 27.97
N ASP B 2 13.69 2.09 26.70
CA ASP B 2 13.98 3.46 26.29
C ASP B 2 12.93 4.56 26.43
N ASP B 3 13.44 5.79 26.47
CA ASP B 3 12.68 7.02 26.61
C ASP B 3 11.28 7.10 26.00
N LEU B 4 11.11 6.76 24.73
CA LEU B 4 9.80 6.88 24.10
C LEU B 4 8.81 5.79 24.53
N VAL B 5 7.77 6.22 25.20
CA VAL B 5 6.78 5.29 25.69
C VAL B 5 5.39 5.94 25.64
N ASP B 6 4.35 5.12 25.51
CA ASP B 6 2.97 5.63 25.43
C ASP B 6 2.32 5.78 26.80
N ALA B 7 1.00 5.97 26.78
CA ALA B 7 0.24 6.17 28.01
C ALA B 7 0.32 4.99 28.97
N GLU B 8 0.25 3.78 28.43
CA GLU B 8 0.30 2.58 29.27
C GLU B 8 1.73 2.21 29.67
N GLY B 9 2.69 3.02 29.22
CA GLY B 9 4.09 2.78 29.56
C GLY B 9 4.84 1.87 28.61
N ASN B 10 4.20 1.45 27.52
CA ASN B 10 4.85 0.57 26.55
C ASN B 10 5.66 1.31 25.51
N LEU B 11 6.67 0.63 24.96
CA LEU B 11 7.50 1.21 23.92
C LEU B 11 6.63 1.43 22.68
N VAL B 12 6.87 2.52 21.97
CA VAL B 12 6.10 2.85 20.78
C VAL B 12 6.49 1.99 19.56
N GLU B 13 5.50 1.31 19.00
CA GLU B 13 5.71 0.47 17.82
C GLU B 13 6.20 1.29 16.65
N ASN B 14 7.36 0.93 16.12
CA ASN B 14 7.90 1.67 14.98
C ASN B 14 6.98 1.55 13.78
N GLY B 15 6.43 2.67 13.35
CA GLY B 15 5.53 2.66 12.22
C GLY B 15 4.10 2.44 12.68
N GLY B 16 3.91 2.33 13.99
CA GLY B 16 2.59 2.13 14.55
C GLY B 16 1.74 3.39 14.59
N THR B 17 0.45 3.20 14.82
CA THR B 17 -0.48 4.32 14.87
C THR B 17 -0.87 4.69 16.30
N TYR B 18 -0.79 5.99 16.60
CA TYR B 18 -1.11 6.52 17.92
C TYR B 18 -1.91 7.82 17.84
N TYR B 19 -2.69 8.07 18.88
CA TYR B 19 -3.44 9.31 18.98
C TYR B 19 -2.53 10.28 19.74
N LEU B 20 -2.30 11.46 19.19
CA LEU B 20 -1.46 12.44 19.85
C LEU B 20 -2.34 13.39 20.65
N LEU B 21 -2.58 13.01 21.90
CA LEU B 21 -3.40 13.75 22.82
C LEU B 21 -2.55 14.76 23.58
N PRO B 22 -3.18 15.76 24.21
CA PRO B 22 -2.47 16.79 24.96
C PRO B 22 -2.43 16.41 26.42
N HIS B 23 -1.51 16.99 27.18
CA HIS B 23 -1.48 16.68 28.59
C HIS B 23 -2.65 17.42 29.20
N ILE B 24 -2.69 18.72 28.93
CA ILE B 24 -3.73 19.60 29.46
C ILE B 24 -4.76 19.91 28.37
N TRP B 25 -5.90 19.23 28.44
CA TRP B 25 -6.95 19.39 27.44
C TRP B 25 -7.58 20.76 27.24
N ALA B 26 -7.22 21.74 28.05
CA ALA B 26 -7.77 23.07 27.87
C ALA B 26 -7.05 23.66 26.64
N HIS B 27 -6.04 22.93 26.20
CA HIS B 27 -5.22 23.30 25.04
C HIS B 27 -5.84 22.81 23.74
N GLY B 28 -6.70 21.80 23.84
CA GLY B 28 -7.35 21.26 22.65
C GLY B 28 -7.39 19.74 22.68
N GLY B 29 -7.84 19.14 21.58
CA GLY B 29 -7.90 17.68 21.53
C GLY B 29 -6.71 17.10 20.79
N GLY B 30 -6.93 15.95 20.16
CA GLY B 30 -5.87 15.30 19.40
C GLY B 30 -5.55 16.08 18.15
N ILE B 31 -4.52 15.67 17.43
CA ILE B 31 -4.12 16.35 16.21
C ILE B 31 -4.95 15.95 14.99
N GLU B 32 -5.17 16.91 14.10
CA GLU B 32 -5.93 16.69 12.86
C GLU B 32 -5.56 17.80 11.88
N THR B 33 -6.39 18.00 10.87
CA THR B 33 -6.10 19.03 9.87
C THR B 33 -7.21 20.06 9.67
N ALA B 34 -6.81 21.16 9.04
CA ALA B 34 -7.72 22.24 8.73
C ALA B 34 -7.21 22.98 7.49
N LYS B 35 -8.12 23.64 6.79
CA LYS B 35 -7.78 24.40 5.60
C LYS B 35 -7.61 25.85 6.01
N THR B 36 -6.38 26.34 5.92
CA THR B 36 -6.08 27.73 6.28
C THR B 36 -5.52 28.48 5.07
N GLY B 37 -5.62 29.80 5.10
CA GLY B 37 -5.12 30.60 4.00
C GLY B 37 -5.72 30.20 2.68
N ASN B 38 -4.87 30.16 1.65
CA ASN B 38 -5.26 29.82 0.29
C ASN B 38 -5.23 28.31 0.01
N GLU B 39 -4.93 27.51 1.02
CA GLU B 39 -4.86 26.05 0.84
C GLU B 39 -6.12 25.50 0.20
N PRO B 40 -5.95 24.65 -0.82
CA PRO B 40 -7.06 24.03 -1.55
C PRO B 40 -7.75 22.94 -0.72
N CYS B 41 -7.15 22.60 0.42
CA CYS B 41 -7.68 21.54 1.28
C CYS B 41 -6.95 21.52 2.61
N PRO B 42 -7.51 20.80 3.61
CA PRO B 42 -6.92 20.70 4.95
C PRO B 42 -5.44 20.29 4.96
N LEU B 43 -4.54 21.25 4.84
CA LEU B 43 -3.11 20.97 4.82
C LEU B 43 -2.35 21.53 6.02
N THR B 44 -3.08 22.14 6.96
CA THR B 44 -2.48 22.74 8.15
C THR B 44 -2.61 21.79 9.33
N VAL B 45 -1.50 21.48 10.00
CA VAL B 45 -1.56 20.58 11.12
C VAL B 45 -1.93 21.31 12.39
N VAL B 46 -3.13 21.02 12.87
CA VAL B 46 -3.67 21.66 14.06
C VAL B 46 -4.08 20.71 15.17
N ARG B 47 -4.23 21.27 16.36
CA ARG B 47 -4.72 20.50 17.50
C ARG B 47 -6.23 20.74 17.36
N SER B 48 -7.04 19.69 17.49
CA SER B 48 -8.48 19.82 17.34
C SER B 48 -9.08 20.78 18.35
N PRO B 49 -10.11 21.54 17.91
CA PRO B 49 -10.81 22.51 18.76
C PRO B 49 -11.62 21.78 19.82
N ASN B 50 -12.14 20.62 19.43
CA ASN B 50 -12.97 19.78 20.30
C ASN B 50 -12.18 19.19 21.48
N GLU B 51 -12.45 19.73 22.67
CA GLU B 51 -11.81 19.33 23.92
C GLU B 51 -11.99 17.85 24.28
N VAL B 52 -12.75 17.12 23.47
CA VAL B 52 -13.00 15.72 23.79
C VAL B 52 -12.49 14.74 22.74
N SER B 53 -12.24 15.24 21.53
CA SER B 53 -11.78 14.37 20.44
C SER B 53 -10.37 13.84 20.62
N LYS B 54 -10.14 12.63 20.14
CA LYS B 54 -8.83 11.99 20.22
C LYS B 54 -7.96 12.46 19.05
N GLY B 55 -8.57 13.14 18.09
CA GLY B 55 -7.83 13.63 16.93
C GLY B 55 -7.73 12.55 15.86
N GLU B 56 -6.66 12.57 15.08
CA GLU B 56 -6.48 11.56 14.04
C GLU B 56 -5.39 10.62 14.48
N PRO B 57 -5.48 9.35 14.07
CA PRO B 57 -4.45 8.38 14.44
C PRO B 57 -3.22 8.79 13.64
N ILE B 58 -2.05 8.81 14.29
CA ILE B 58 -0.80 9.25 13.67
C ILE B 58 0.32 8.22 13.58
N ARG B 59 0.85 7.99 12.38
CA ARG B 59 1.96 7.05 12.22
C ARG B 59 3.27 7.68 12.71
N ILE B 60 4.00 6.96 13.55
CA ILE B 60 5.28 7.41 14.08
C ILE B 60 6.38 6.44 13.59
N SER B 61 7.29 6.91 12.73
CA SER B 61 8.32 6.03 12.21
C SER B 61 9.76 6.48 12.31
N SER B 62 10.64 5.50 12.51
CA SER B 62 12.07 5.73 12.58
C SER B 62 12.68 4.89 11.48
N GLN B 63 13.75 5.39 10.87
CA GLN B 63 14.41 4.63 9.84
C GLN B 63 15.11 3.43 10.47
N PHE B 64 15.41 3.52 11.77
CA PHE B 64 16.05 2.43 12.47
C PHE B 64 15.19 1.18 12.30
N ARG B 65 15.81 0.06 11.92
CA ARG B 65 15.07 -1.17 11.69
C ARG B 65 14.75 -1.94 12.99
N SER B 66 14.42 -1.19 14.03
CA SER B 66 14.07 -1.79 15.30
C SER B 66 12.54 -1.94 15.38
N LEU B 67 12.08 -2.75 16.32
CA LEU B 67 10.66 -2.97 16.50
C LEU B 67 9.99 -1.74 17.11
N PHE B 68 10.73 -1.04 17.96
CA PHE B 68 10.18 0.13 18.61
C PHE B 68 11.12 1.29 18.41
N ILE B 69 10.58 2.51 18.47
CA ILE B 69 11.38 3.71 18.27
C ILE B 69 12.48 3.84 19.32
N PRO B 70 13.74 3.84 18.87
CA PRO B 70 14.90 3.95 19.77
C PRO B 70 14.88 5.28 20.49
N ARG B 71 15.48 5.32 21.67
CA ARG B 71 15.53 6.56 22.44
C ARG B 71 16.39 7.58 21.71
N GLY B 72 15.86 8.78 21.52
CA GLY B 72 16.60 9.84 20.83
C GLY B 72 16.62 9.80 19.30
N SER B 73 15.79 8.94 18.71
CA SER B 73 15.74 8.82 17.25
C SER B 73 14.93 9.93 16.58
N LEU B 74 15.22 10.21 15.32
CA LEU B 74 14.42 11.22 14.63
C LEU B 74 13.17 10.48 14.22
N VAL B 75 12.11 11.21 13.92
CA VAL B 75 10.89 10.55 13.50
C VAL B 75 10.15 11.32 12.46
N ALA B 76 9.32 10.61 11.72
CA ALA B 76 8.49 11.21 10.71
C ALA B 76 7.12 10.99 11.36
N LEU B 77 6.22 11.94 11.18
CA LEU B 77 4.91 11.80 11.76
C LEU B 77 3.89 12.03 10.67
N GLY B 78 2.95 11.10 10.52
CA GLY B 78 1.93 11.25 9.50
C GLY B 78 0.55 10.74 9.90
N PHE B 79 -0.48 11.21 9.21
CA PHE B 79 -1.84 10.77 9.50
C PHE B 79 -2.11 9.43 8.82
N ALA B 80 -2.63 8.49 9.59
CA ALA B 80 -2.95 7.15 9.09
C ALA B 80 -3.97 7.21 7.96
N ASN B 81 -4.70 8.32 7.89
CA ASN B 81 -5.73 8.56 6.86
C ASN B 81 -5.74 10.04 6.54
N PRO B 82 -4.74 10.51 5.76
CA PRO B 82 -4.64 11.91 5.37
C PRO B 82 -5.69 12.33 4.37
N PRO B 83 -5.85 13.65 4.17
CA PRO B 83 -6.83 14.15 3.21
C PRO B 83 -6.37 13.91 1.76
N SER B 84 -7.26 13.35 0.96
CA SER B 84 -6.97 13.01 -0.44
C SER B 84 -5.98 13.88 -1.19
N CYS B 85 -6.11 15.20 -1.05
CA CYS B 85 -5.25 16.15 -1.74
C CYS B 85 -3.76 16.15 -1.38
N ALA B 86 -3.39 15.53 -0.27
CA ALA B 86 -1.98 15.48 0.10
C ALA B 86 -1.24 14.39 -0.67
N ALA B 87 0.00 14.68 -1.06
CA ALA B 87 0.80 13.70 -1.81
C ALA B 87 1.13 12.53 -0.89
N SER B 88 1.79 12.81 0.23
CA SER B 88 2.12 11.76 1.17
C SER B 88 1.49 12.15 2.51
N PRO B 89 1.29 11.16 3.39
CA PRO B 89 0.68 11.44 4.69
C PRO B 89 1.60 12.07 5.72
N TRP B 90 2.86 12.31 5.34
CA TRP B 90 3.83 12.87 6.27
C TRP B 90 3.83 14.37 6.48
N TRP B 91 4.20 14.76 7.70
CA TRP B 91 4.27 16.15 8.09
C TRP B 91 5.58 16.70 7.57
N THR B 92 5.64 18.03 7.46
CA THR B 92 6.83 18.73 7.02
C THR B 92 6.76 20.15 7.58
N VAL B 93 7.91 20.80 7.73
CA VAL B 93 7.93 22.16 8.27
C VAL B 93 8.31 23.16 7.19
N VAL B 94 7.30 23.85 6.65
CA VAL B 94 7.49 24.85 5.60
C VAL B 94 7.67 26.24 6.20
N ASP B 95 8.23 27.17 5.43
CA ASP B 95 8.41 28.51 5.93
C ASP B 95 7.08 29.23 5.79
N SER B 96 6.74 30.08 6.75
CA SER B 96 5.46 30.79 6.71
C SER B 96 5.59 32.24 7.18
N PRO B 97 4.51 33.04 7.00
CA PRO B 97 4.53 34.45 7.43
C PRO B 97 4.85 34.56 8.91
N GLN B 98 4.14 33.78 9.72
CA GLN B 98 4.34 33.79 11.16
C GLN B 98 5.30 32.70 11.65
N GLY B 99 6.20 32.26 10.77
CA GLY B 99 7.19 31.26 11.14
C GLY B 99 6.97 29.82 10.74
N PRO B 100 8.06 29.04 10.61
CA PRO B 100 8.05 27.62 10.25
C PRO B 100 6.85 26.88 10.81
N ALA B 101 5.96 26.41 9.93
CA ALA B 101 4.75 25.71 10.34
C ALA B 101 4.62 24.26 9.83
N VAL B 102 4.02 23.41 10.66
CA VAL B 102 3.79 22.00 10.33
C VAL B 102 2.62 21.87 9.37
N LYS B 103 2.87 21.36 8.18
CA LYS B 103 1.80 21.23 7.19
C LYS B 103 1.93 19.96 6.37
N LEU B 104 0.95 19.74 5.51
CA LEU B 104 0.95 18.61 4.59
C LEU B 104 1.20 19.26 3.24
N SER B 105 1.62 18.47 2.24
CA SER B 105 1.86 19.04 0.93
C SER B 105 1.11 18.30 -0.17
N GLN B 106 0.95 18.98 -1.30
CA GLN B 106 0.28 18.38 -2.43
C GLN B 106 1.35 17.79 -3.32
N GLN B 107 2.59 18.08 -2.98
CA GLN B 107 3.75 17.57 -3.69
C GLN B 107 4.48 16.55 -2.83
N LYS B 108 4.95 15.47 -3.44
CA LYS B 108 5.67 14.46 -2.69
C LYS B 108 6.98 15.10 -2.29
N LEU B 109 7.25 15.13 -0.99
CA LEU B 109 8.47 15.73 -0.47
C LEU B 109 9.55 14.72 -0.17
N PRO B 110 10.79 15.04 -0.56
CA PRO B 110 11.89 14.10 -0.30
C PRO B 110 12.02 13.86 1.19
N GLU B 111 12.65 12.75 1.55
CA GLU B 111 12.83 12.38 2.95
C GLU B 111 13.41 13.41 3.89
N LYS B 112 14.35 14.22 3.42
CA LYS B 112 14.97 15.23 4.27
C LYS B 112 13.93 16.17 4.87
N ASP B 113 12.86 16.40 4.14
CA ASP B 113 11.79 17.29 4.59
C ASP B 113 10.81 16.70 5.60
N ILE B 114 10.85 15.38 5.79
CA ILE B 114 9.95 14.75 6.74
C ILE B 114 10.65 14.12 7.92
N LEU B 115 11.96 13.93 7.81
CA LEU B 115 12.76 13.36 8.90
C LEU B 115 13.27 14.56 9.69
N VAL B 116 12.33 15.24 10.33
CA VAL B 116 12.61 16.45 11.09
C VAL B 116 12.01 16.53 12.48
N PHE B 117 11.62 15.40 13.07
CA PHE B 117 11.01 15.43 14.41
C PHE B 117 11.72 14.56 15.43
N LYS B 118 11.54 14.91 16.70
CA LYS B 118 12.16 14.18 17.80
C LYS B 118 11.42 14.51 19.10
N PHE B 119 11.11 13.45 19.84
CA PHE B 119 10.41 13.60 21.11
C PHE B 119 11.34 13.84 22.30
N GLU B 120 10.87 14.61 23.26
CA GLU B 120 11.62 14.92 24.47
C GLU B 120 10.69 14.68 25.67
N LYS B 121 11.07 13.72 26.50
CA LYS B 121 10.29 13.36 27.68
C LYS B 121 10.19 14.52 28.66
N VAL B 122 8.97 14.73 29.19
CA VAL B 122 8.75 15.76 30.19
C VAL B 122 8.85 15.08 31.55
N SER B 123 9.53 15.73 32.48
CA SER B 123 9.74 15.17 33.80
C SER B 123 8.58 14.99 34.76
N HIS B 124 7.37 14.76 34.28
CA HIS B 124 6.24 14.54 35.20
C HIS B 124 6.43 13.20 35.90
N SER B 125 6.47 13.22 37.24
CA SER B 125 6.67 12.01 38.04
C SER B 125 5.81 10.81 37.65
N ASN B 126 4.55 11.05 37.27
CA ASN B 126 3.72 9.94 36.84
C ASN B 126 2.56 10.28 35.89
N ILE B 127 2.84 9.92 34.65
CA ILE B 127 2.04 10.02 33.43
C ILE B 127 3.11 10.34 32.39
N HIS B 128 3.16 9.53 31.34
CA HIS B 128 4.17 9.71 30.31
C HIS B 128 3.84 10.80 29.29
N VAL B 129 4.59 11.89 29.39
CA VAL B 129 4.37 13.04 28.52
C VAL B 129 5.64 13.48 27.80
N TYR B 130 5.49 13.92 26.57
CA TYR B 130 6.63 14.37 25.78
C TYR B 130 6.38 15.67 25.06
N LYS B 131 7.47 16.42 24.84
CA LYS B 131 7.41 17.65 24.09
C LYS B 131 7.84 17.21 22.70
N LEU B 132 7.76 18.11 21.72
CA LEU B 132 8.17 17.75 20.36
C LEU B 132 9.18 18.71 19.78
N LEU B 133 10.35 18.18 19.45
CA LEU B 133 11.43 18.96 18.88
C LEU B 133 11.40 19.00 17.37
N TYR B 134 11.81 20.13 16.80
CA TYR B 134 11.90 20.29 15.35
C TYR B 134 13.40 20.23 15.06
N CYS B 135 13.79 19.46 14.04
CA CYS B 135 15.20 19.32 13.69
C CYS B 135 15.51 19.68 12.25
N GLN B 136 16.65 20.33 12.04
CA GLN B 136 17.09 20.71 10.70
C GLN B 136 18.60 20.55 10.55
N HIS B 137 19.00 19.98 9.41
CA HIS B 137 20.40 19.72 9.08
C HIS B 137 21.29 20.95 9.17
N ASP B 138 22.52 20.73 9.62
CA ASP B 138 23.47 21.81 9.73
C ASP B 138 24.80 21.23 9.24
N GLU B 139 25.83 21.38 10.06
CA GLU B 139 27.15 20.87 9.72
C GLU B 139 27.17 19.35 9.86
N GLU B 140 26.80 18.67 8.77
CA GLU B 140 26.73 17.22 8.68
C GLU B 140 26.26 16.56 9.97
N ASP B 141 25.27 17.21 10.57
CA ASP B 141 24.64 16.73 11.79
C ASP B 141 23.25 17.36 11.74
N VAL B 142 22.28 16.72 12.37
CA VAL B 142 20.93 17.24 12.41
C VAL B 142 20.66 17.73 13.83
N LYS B 143 20.38 19.02 13.96
CA LYS B 143 20.15 19.62 15.27
C LYS B 143 18.67 19.80 15.61
N CYS B 144 18.34 19.46 16.85
CA CYS B 144 16.97 19.58 17.35
C CYS B 144 16.93 20.53 18.55
N ASP B 145 17.05 21.83 18.29
CA ASP B 145 17.01 22.81 19.36
C ASP B 145 15.96 23.89 19.11
N GLN B 146 14.75 23.43 18.81
CA GLN B 146 13.61 24.29 18.58
C GLN B 146 12.39 23.42 18.88
N TYR B 147 11.43 23.96 19.61
CA TYR B 147 10.23 23.18 19.93
C TYR B 147 9.08 23.47 19.00
N ILE B 148 8.07 22.61 19.05
CA ILE B 148 6.87 22.77 18.27
C ILE B 148 5.88 23.33 19.25
N GLY B 149 4.96 24.15 18.78
CA GLY B 149 3.98 24.73 19.68
C GLY B 149 2.68 25.05 18.97
N ILE B 150 1.79 25.75 19.68
CA ILE B 150 0.49 26.09 19.13
C ILE B 150 0.27 27.59 18.95
N HIS B 151 -0.05 28.00 17.73
CA HIS B 151 -0.35 29.39 17.45
C HIS B 151 -1.80 29.57 17.05
N ARG B 152 -2.63 30.09 17.94
CA ARG B 152 -4.03 30.29 17.61
C ARG B 152 -4.18 31.42 16.62
N ASP B 153 -4.67 31.08 15.42
CA ASP B 153 -4.87 32.08 14.39
C ASP B 153 -6.23 32.76 14.54
N ARG B 154 -6.49 33.75 13.68
CA ARG B 154 -7.73 34.49 13.68
C ARG B 154 -8.94 33.55 13.65
N ASN B 155 -8.99 32.71 12.63
CA ASN B 155 -10.09 31.77 12.45
C ASN B 155 -10.19 30.71 13.55
N GLY B 156 -9.44 30.88 14.63
CA GLY B 156 -9.50 29.92 15.72
C GLY B 156 -8.53 28.75 15.73
N ASN B 157 -8.34 28.11 14.57
CA ASN B 157 -7.44 26.96 14.45
C ASN B 157 -6.20 26.99 15.34
N ARG B 158 -5.98 25.88 16.05
CA ARG B 158 -4.84 25.72 16.95
C ARG B 158 -3.67 25.13 16.16
N ARG B 159 -2.94 25.99 15.45
CA ARG B 159 -1.82 25.57 14.62
C ARG B 159 -0.56 25.10 15.31
N LEU B 160 -0.01 24.00 14.83
CA LEU B 160 1.23 23.50 15.36
C LEU B 160 2.31 24.26 14.56
N VAL B 161 3.18 24.97 15.27
CA VAL B 161 4.22 25.73 14.61
C VAL B 161 5.47 25.70 15.45
N VAL B 162 6.56 26.17 14.86
CA VAL B 162 7.83 26.23 15.56
C VAL B 162 7.89 27.54 16.34
N THR B 163 7.33 27.55 17.55
CA THR B 163 7.37 28.76 18.37
C THR B 163 8.33 28.53 19.52
N GLU B 164 8.71 29.60 20.20
CA GLU B 164 9.63 29.51 21.31
C GLU B 164 8.89 29.33 22.63
N GLU B 165 7.58 29.53 22.59
CA GLU B 165 6.75 29.39 23.78
C GLU B 165 5.49 28.60 23.43
N ASN B 166 4.67 28.28 24.45
CA ASN B 166 3.46 27.49 24.25
C ASN B 166 3.86 26.14 23.66
N PRO B 167 4.93 25.53 24.18
CA PRO B 167 5.35 24.23 23.62
C PRO B 167 4.30 23.13 23.80
N LEU B 168 4.26 22.23 22.84
CA LEU B 168 3.33 21.12 22.87
C LEU B 168 3.68 20.09 23.93
N GLU B 169 2.66 19.60 24.61
CA GLU B 169 2.83 18.55 25.60
C GLU B 169 2.05 17.41 24.95
N LEU B 170 2.68 16.25 24.80
CA LEU B 170 2.04 15.11 24.13
C LEU B 170 1.98 13.82 24.93
N VAL B 171 0.84 13.14 24.80
CA VAL B 171 0.59 11.86 25.45
C VAL B 171 0.12 10.96 24.32
N LEU B 172 0.85 9.87 24.10
CA LEU B 172 0.56 8.95 23.01
C LEU B 172 -0.36 7.81 23.41
N LEU B 173 -1.46 7.67 22.68
CA LEU B 173 -2.42 6.62 22.96
C LEU B 173 -2.53 5.68 21.75
N LYS B 174 -2.09 4.45 21.92
CA LYS B 174 -2.12 3.48 20.84
C LYS B 174 -3.53 3.43 20.23
N ALA B 175 -3.58 3.39 18.90
CA ALA B 175 -4.85 3.34 18.19
C ALA B 175 -5.16 1.92 17.69
N ILE C 1 -16.77 -8.61 -1.56
CA ILE C 1 -17.32 -7.83 -0.46
C ILE C 1 -16.35 -7.70 0.70
N VAL C 2 -16.10 -6.47 1.12
CA VAL C 2 -15.18 -6.18 2.23
C VAL C 2 -15.92 -5.62 3.46
N GLY C 3 -15.57 -6.16 4.64
CA GLY C 3 -16.19 -5.73 5.87
C GLY C 3 -17.51 -6.45 6.10
N GLY C 4 -17.77 -7.48 5.30
CA GLY C 4 -18.99 -8.23 5.42
C GLY C 4 -18.89 -9.46 6.32
N TYR C 5 -19.91 -10.31 6.25
CA TYR C 5 -19.96 -11.52 7.06
C TYR C 5 -20.44 -12.67 6.17
N THR C 6 -20.29 -13.92 6.64
CA THR C 6 -20.77 -15.06 5.86
C THR C 6 -22.30 -15.08 5.99
N CYS C 7 -22.99 -15.00 4.86
CA CYS C 7 -24.44 -14.97 4.85
C CYS C 7 -25.09 -16.17 5.52
N GLY C 8 -24.71 -17.34 5.04
CA GLY C 8 -25.27 -18.59 5.51
C GLY C 8 -25.78 -19.26 4.25
N ALA C 9 -25.59 -20.56 4.11
CA ALA C 9 -26.02 -21.23 2.89
C ALA C 9 -27.45 -20.91 2.46
N ASN C 10 -27.62 -20.73 1.16
CA ASN C 10 -28.92 -20.46 0.55
C ASN C 10 -29.80 -19.45 1.29
N THR C 11 -29.17 -18.50 1.98
CA THR C 11 -29.89 -17.49 2.72
C THR C 11 -30.28 -16.35 1.78
N VAL C 12 -29.56 -16.24 0.65
CA VAL C 12 -29.86 -15.21 -0.34
C VAL C 12 -30.29 -15.94 -1.63
N PRO C 13 -31.43 -16.65 -1.58
CA PRO C 13 -32.03 -17.42 -2.67
C PRO C 13 -32.12 -16.78 -4.05
N TYR C 14 -32.09 -15.46 -4.11
CA TYR C 14 -32.18 -14.77 -5.38
C TYR C 14 -30.80 -14.54 -5.99
N GLN C 15 -29.78 -14.64 -5.14
CA GLN C 15 -28.40 -14.47 -5.58
C GLN C 15 -28.00 -15.60 -6.51
N VAL C 16 -27.61 -15.26 -7.74
CA VAL C 16 -27.14 -16.29 -8.66
C VAL C 16 -25.68 -16.01 -8.94
N SER C 17 -25.05 -16.91 -9.68
CA SER C 17 -23.66 -16.73 -10.02
C SER C 17 -23.53 -17.03 -11.49
N LEU C 18 -22.82 -16.16 -12.21
CA LEU C 18 -22.60 -16.35 -13.63
C LEU C 18 -21.26 -17.06 -13.79
N ASN C 19 -21.28 -18.19 -14.50
CA ASN C 19 -20.10 -19.00 -14.69
C ASN C 19 -19.76 -19.14 -16.17
N SER C 20 -18.48 -19.15 -16.47
CA SER C 20 -17.95 -19.28 -17.82
C SER C 20 -16.67 -20.10 -17.68
N GLY C 21 -16.68 -20.96 -16.68
CA GLY C 21 -15.53 -21.79 -16.37
C GLY C 21 -15.37 -21.67 -14.87
N TYR C 22 -15.48 -20.43 -14.41
CA TYR C 22 -15.40 -20.06 -13.01
C TYR C 22 -16.39 -18.91 -12.83
N HIS C 23 -16.50 -18.43 -11.59
CA HIS C 23 -17.40 -17.32 -11.27
C HIS C 23 -16.80 -15.99 -11.68
N PHE C 24 -17.57 -15.17 -12.41
CA PHE C 24 -17.07 -13.86 -12.82
C PHE C 24 -17.99 -12.67 -12.48
N CYS C 25 -19.25 -12.96 -12.20
CA CYS C 25 -20.20 -11.91 -11.85
C CYS C 25 -21.40 -12.46 -11.07
N GLY C 26 -21.99 -11.60 -10.25
CA GLY C 26 -23.15 -11.98 -9.49
C GLY C 26 -24.36 -11.76 -10.39
N GLY C 27 -25.54 -11.99 -9.87
CA GLY C 27 -26.75 -11.80 -10.66
C GLY C 27 -27.93 -11.99 -9.74
N SER C 28 -29.10 -11.49 -10.15
CA SER C 28 -30.32 -11.59 -9.35
C SER C 28 -31.47 -12.24 -10.07
N LEU C 29 -32.00 -13.32 -9.49
CA LEU C 29 -33.14 -14.06 -10.06
C LEU C 29 -34.45 -13.28 -9.90
N ILE C 30 -34.99 -12.72 -10.98
CA ILE C 30 -36.22 -11.96 -10.86
C ILE C 30 -37.50 -12.75 -11.18
N ASN C 31 -37.34 -13.96 -11.69
CA ASN C 31 -38.45 -14.86 -12.00
C ASN C 31 -37.80 -16.15 -12.52
N SER C 32 -38.53 -17.26 -12.55
CA SER C 32 -37.95 -18.53 -12.98
C SER C 32 -37.38 -18.61 -14.40
N GLN C 33 -37.38 -17.51 -15.14
CA GLN C 33 -36.85 -17.55 -16.50
C GLN C 33 -35.83 -16.45 -16.79
N TRP C 34 -35.81 -15.41 -15.94
CA TRP C 34 -34.90 -14.31 -16.15
C TRP C 34 -34.02 -13.91 -14.95
N VAL C 35 -32.84 -13.41 -15.27
CA VAL C 35 -31.89 -12.95 -14.27
C VAL C 35 -31.44 -11.55 -14.68
N VAL C 36 -31.16 -10.72 -13.69
CA VAL C 36 -30.70 -9.38 -13.97
C VAL C 36 -29.33 -9.21 -13.33
N SER C 37 -28.38 -8.75 -14.13
CA SER C 37 -27.00 -8.53 -13.71
C SER C 37 -26.56 -7.25 -14.38
N ALA C 38 -25.26 -6.99 -14.40
CA ALA C 38 -24.71 -5.78 -15.01
C ALA C 38 -24.50 -5.93 -16.52
N ALA C 39 -24.41 -4.79 -17.20
CA ALA C 39 -24.17 -4.81 -18.64
C ALA C 39 -22.70 -5.16 -18.92
N HIS C 40 -21.78 -4.68 -18.08
CA HIS C 40 -20.38 -4.98 -18.32
C HIS C 40 -20.05 -6.44 -18.01
N CYS C 41 -21.05 -7.19 -17.56
CA CYS C 41 -20.88 -8.60 -17.23
C CYS C 41 -21.31 -9.50 -18.39
N TYR C 42 -21.55 -8.91 -19.55
CA TYR C 42 -21.96 -9.70 -20.70
C TYR C 42 -20.91 -10.64 -21.31
N LYS C 43 -21.30 -11.89 -21.50
CA LYS C 43 -20.48 -12.94 -22.12
C LYS C 43 -21.46 -13.77 -22.94
N SER C 44 -20.97 -14.59 -23.86
CA SER C 44 -21.88 -15.39 -24.68
C SER C 44 -21.98 -16.88 -24.37
N GLY C 45 -21.44 -17.28 -23.22
CA GLY C 45 -21.53 -18.69 -22.84
C GLY C 45 -21.86 -18.80 -21.38
N ILE C 46 -22.68 -17.87 -20.90
CA ILE C 46 -23.04 -17.86 -19.50
C ILE C 46 -23.85 -19.04 -19.02
N GLN C 47 -23.40 -19.64 -17.94
CA GLN C 47 -24.11 -20.73 -17.31
C GLN C 47 -24.52 -20.13 -15.97
N VAL C 48 -25.81 -20.21 -15.64
CA VAL C 48 -26.22 -19.66 -14.36
C VAL C 48 -26.28 -20.76 -13.30
N ARG C 49 -25.61 -20.48 -12.19
CA ARG C 49 -25.55 -21.40 -11.07
C ARG C 49 -26.50 -20.85 -10.02
N LEU C 50 -27.58 -21.59 -9.74
CA LEU C 50 -28.56 -21.17 -8.75
C LEU C 50 -28.49 -22.04 -7.51
N GLY C 51 -29.00 -21.54 -6.40
CA GLY C 51 -28.98 -22.30 -5.17
C GLY C 51 -27.55 -22.62 -4.79
N GLU C 52 -26.71 -21.59 -4.73
CA GLU C 52 -25.31 -21.76 -4.41
C GLU C 52 -24.87 -21.13 -3.09
N ASP C 53 -23.74 -21.61 -2.60
CA ASP C 53 -23.15 -21.08 -1.39
C ASP C 53 -21.66 -21.16 -1.64
N ASN C 54 -21.12 -22.35 -1.52
CA ASN C 54 -19.71 -22.58 -1.79
C ASN C 54 -19.63 -22.85 -3.29
N ILE C 55 -19.24 -21.84 -4.06
CA ILE C 55 -19.15 -21.94 -5.50
C ILE C 55 -18.06 -22.89 -5.97
N ASN C 56 -17.27 -23.41 -5.05
CA ASN C 56 -16.19 -24.31 -5.41
C ASN C 56 -16.44 -25.76 -5.03
N VAL C 57 -17.60 -26.00 -4.44
CA VAL C 57 -18.01 -27.33 -4.01
C VAL C 57 -19.48 -27.57 -4.29
N VAL C 58 -19.81 -28.80 -4.66
CA VAL C 58 -21.19 -29.17 -4.96
C VAL C 58 -21.88 -29.63 -3.66
N GLU C 59 -22.53 -28.68 -2.99
CA GLU C 59 -23.21 -28.97 -1.72
C GLU C 59 -24.57 -29.65 -1.88
N GLY C 60 -24.99 -29.87 -3.13
CA GLY C 60 -26.24 -30.57 -3.37
C GLY C 60 -27.57 -29.86 -3.61
N ASN C 61 -27.60 -28.53 -3.60
CA ASN C 61 -28.86 -27.85 -3.84
C ASN C 61 -28.78 -26.88 -5.01
N GLU C 62 -27.72 -27.05 -5.80
CA GLU C 62 -27.48 -26.22 -6.97
C GLU C 62 -28.40 -26.52 -8.13
N GLN C 63 -28.42 -25.61 -9.09
CA GLN C 63 -29.17 -25.74 -10.33
C GLN C 63 -28.33 -25.03 -11.38
N PHE C 64 -27.92 -25.77 -12.42
CA PHE C 64 -27.12 -25.20 -13.48
C PHE C 64 -27.95 -25.11 -14.76
N ILE C 65 -28.21 -23.88 -15.20
CA ILE C 65 -28.99 -23.63 -16.39
C ILE C 65 -28.26 -22.62 -17.26
N SER C 66 -28.14 -22.93 -18.53
CA SER C 66 -27.47 -22.04 -19.46
C SER C 66 -28.37 -20.87 -19.84
N ALA C 67 -27.77 -19.85 -20.45
CA ALA C 67 -28.51 -18.68 -20.87
C ALA C 67 -28.76 -18.81 -22.37
N SER C 68 -30.02 -18.68 -22.79
CA SER C 68 -30.31 -18.77 -24.21
C SER C 68 -30.12 -17.39 -24.82
N LYS C 69 -30.45 -16.38 -24.04
CA LYS C 69 -30.36 -14.98 -24.45
C LYS C 69 -29.67 -14.15 -23.37
N SER C 70 -29.01 -13.09 -23.81
CA SER C 70 -28.33 -12.15 -22.93
C SER C 70 -28.58 -10.80 -23.58
N ILE C 71 -29.39 -9.98 -22.94
CA ILE C 71 -29.73 -8.68 -23.49
C ILE C 71 -29.19 -7.52 -22.65
N VAL C 72 -28.24 -6.79 -23.22
CA VAL C 72 -27.64 -5.64 -22.55
C VAL C 72 -28.52 -4.43 -22.83
N HIS C 73 -28.69 -3.55 -21.84
CA HIS C 73 -29.51 -2.37 -22.06
C HIS C 73 -29.04 -1.67 -23.33
N PRO C 74 -29.99 -1.30 -24.20
CA PRO C 74 -29.64 -0.62 -25.46
C PRO C 74 -28.95 0.73 -25.29
N SER C 75 -28.94 1.25 -24.07
CA SER C 75 -28.32 2.55 -23.81
C SER C 75 -27.06 2.46 -22.93
N TYR C 76 -26.58 1.24 -22.69
CA TYR C 76 -25.38 1.03 -21.89
C TYR C 76 -24.19 1.69 -22.59
N ASN C 77 -23.36 2.38 -21.80
CA ASN C 77 -22.18 3.06 -22.31
C ASN C 77 -20.98 2.69 -21.44
N SER C 78 -20.13 1.81 -21.94
CA SER C 78 -18.98 1.39 -21.17
C SER C 78 -18.07 2.54 -20.74
N ASN C 79 -17.92 3.52 -21.61
CA ASN C 79 -17.07 4.66 -21.30
C ASN C 79 -17.55 5.48 -20.10
N THR C 80 -18.86 5.53 -19.91
CA THR C 80 -19.45 6.28 -18.80
C THR C 80 -20.08 5.39 -17.74
N LEU C 81 -19.97 4.08 -17.94
CA LEU C 81 -20.52 3.13 -16.99
C LEU C 81 -22.00 3.38 -16.74
N ASN C 82 -22.65 4.03 -17.69
CA ASN C 82 -24.06 4.35 -17.53
C ASN C 82 -25.01 3.30 -18.13
N ASN C 83 -26.14 3.08 -17.45
CA ASN C 83 -27.15 2.11 -17.88
C ASN C 83 -26.57 0.72 -17.78
N ASP C 84 -25.78 0.51 -16.74
CA ASP C 84 -25.13 -0.76 -16.50
C ASP C 84 -26.13 -1.80 -15.99
N ILE C 85 -26.93 -2.33 -16.91
CA ILE C 85 -27.92 -3.33 -16.56
C ILE C 85 -28.09 -4.29 -17.73
N MET C 86 -28.32 -5.56 -17.41
CA MET C 86 -28.51 -6.58 -18.43
C MET C 86 -29.54 -7.63 -18.00
N LEU C 87 -30.25 -8.19 -18.97
CA LEU C 87 -31.24 -9.23 -18.69
C LEU C 87 -30.79 -10.57 -19.29
N ILE C 88 -30.91 -11.65 -18.51
CA ILE C 88 -30.50 -12.97 -18.97
C ILE C 88 -31.68 -13.94 -18.88
N LYS C 89 -32.01 -14.59 -19.99
CA LYS C 89 -33.10 -15.55 -20.01
C LYS C 89 -32.50 -16.94 -19.90
N LEU C 90 -32.94 -17.69 -18.90
CA LEU C 90 -32.46 -19.05 -18.67
C LEU C 90 -33.04 -19.98 -19.74
N LYS C 91 -32.22 -20.92 -20.21
CA LYS C 91 -32.66 -21.88 -21.22
C LYS C 91 -33.95 -22.58 -20.77
N SER C 92 -33.94 -23.06 -19.52
CA SER C 92 -35.11 -23.72 -18.94
C SER C 92 -35.50 -22.95 -17.68
N ALA C 93 -36.76 -23.07 -17.28
CA ALA C 93 -37.23 -22.39 -16.08
C ALA C 93 -36.59 -22.99 -14.82
N ALA C 94 -36.20 -22.11 -13.90
CA ALA C 94 -35.59 -22.53 -12.65
C ALA C 94 -36.67 -23.02 -11.70
N SER C 95 -36.40 -24.13 -11.01
CA SER C 95 -37.35 -24.66 -10.05
C SER C 95 -37.32 -23.73 -8.83
N LEU C 96 -38.44 -23.10 -8.53
CA LEU C 96 -38.48 -22.21 -7.39
C LEU C 96 -38.71 -22.95 -6.08
N ASN C 97 -37.97 -22.56 -5.05
CA ASN C 97 -38.09 -23.16 -3.74
C ASN C 97 -37.43 -22.27 -2.69
N SER C 98 -37.16 -22.80 -1.50
CA SER C 98 -36.55 -22.01 -0.44
C SER C 98 -35.08 -21.71 -0.68
N ARG C 99 -34.41 -22.57 -1.43
CA ARG C 99 -32.98 -22.42 -1.71
C ARG C 99 -32.75 -21.62 -2.99
N VAL C 100 -33.81 -21.47 -3.78
CA VAL C 100 -33.76 -20.74 -5.04
C VAL C 100 -35.06 -19.99 -5.22
N ALA C 101 -35.05 -18.70 -4.90
CA ALA C 101 -36.26 -17.89 -5.01
C ALA C 101 -35.98 -16.54 -5.67
N SER C 102 -36.93 -16.09 -6.49
CA SER C 102 -36.77 -14.83 -7.19
C SER C 102 -36.93 -13.65 -6.23
N ILE C 103 -36.43 -12.49 -6.64
CA ILE C 103 -36.51 -11.27 -5.86
C ILE C 103 -37.42 -10.30 -6.61
N SER C 104 -38.19 -9.54 -5.86
CA SER C 104 -39.15 -8.60 -6.44
C SER C 104 -38.51 -7.33 -7.03
N LEU C 105 -39.09 -6.81 -8.11
CA LEU C 105 -38.61 -5.58 -8.73
C LEU C 105 -39.28 -4.44 -7.95
N PRO C 106 -38.69 -3.26 -7.94
CA PRO C 106 -39.29 -2.12 -7.23
C PRO C 106 -40.49 -1.48 -7.93
N THR C 107 -41.22 -0.66 -7.19
CA THR C 107 -42.39 0.05 -7.72
C THR C 107 -42.07 1.54 -7.60
N SER C 108 -41.22 1.84 -6.63
CA SER C 108 -40.78 3.20 -6.36
C SER C 108 -39.31 3.10 -6.00
N CYS C 109 -38.56 4.16 -6.27
CA CYS C 109 -37.14 4.14 -5.97
C CYS C 109 -36.96 4.21 -4.46
N ALA C 110 -35.77 3.86 -3.99
CA ALA C 110 -35.48 3.86 -2.57
C ALA C 110 -35.06 5.24 -2.09
N SER C 111 -35.24 5.49 -0.80
CA SER C 111 -34.86 6.76 -0.20
C SER C 111 -33.49 6.66 0.48
N ALA C 112 -32.70 7.70 0.35
CA ALA C 112 -31.37 7.73 0.97
C ALA C 112 -31.50 7.33 2.43
N GLY C 113 -30.46 6.73 2.98
CA GLY C 113 -30.50 6.34 4.38
C GLY C 113 -31.15 4.98 4.61
N THR C 114 -31.73 4.41 3.56
CA THR C 114 -32.36 3.10 3.69
C THR C 114 -31.32 2.01 3.68
N GLN C 115 -31.38 1.11 4.66
CA GLN C 115 -30.42 0.01 4.77
C GLN C 115 -30.72 -1.17 3.84
N CYS C 116 -29.75 -1.54 3.02
CA CYS C 116 -29.90 -2.65 2.08
C CYS C 116 -28.88 -3.77 2.32
N LEU C 117 -29.08 -4.88 1.62
CA LEU C 117 -28.19 -6.02 1.73
C LEU C 117 -27.50 -6.27 0.39
N ILE C 118 -26.18 -6.13 0.39
CA ILE C 118 -25.37 -6.33 -0.80
C ILE C 118 -24.62 -7.64 -0.59
N SER C 119 -24.64 -8.51 -1.60
CA SER C 119 -23.98 -9.80 -1.47
C SER C 119 -23.23 -10.21 -2.73
N GLY C 120 -22.26 -11.10 -2.55
CA GLY C 120 -21.49 -11.57 -3.67
C GLY C 120 -20.27 -12.37 -3.26
N TRP C 121 -19.62 -12.97 -4.24
CA TRP C 121 -18.44 -13.77 -3.99
C TRP C 121 -17.22 -12.99 -4.45
N GLY C 122 -17.24 -11.67 -4.23
CA GLY C 122 -16.13 -10.83 -4.64
C GLY C 122 -14.97 -10.82 -3.65
N ASN C 123 -13.94 -10.04 -3.97
CA ASN C 123 -12.76 -9.94 -3.10
C ASN C 123 -13.19 -9.39 -1.72
N THR C 124 -12.78 -10.08 -0.67
CA THR C 124 -13.15 -9.71 0.70
C THR C 124 -12.25 -8.67 1.36
N LYS C 125 -11.04 -8.52 0.83
CA LYS C 125 -10.13 -7.55 1.39
C LYS C 125 -9.38 -6.83 0.28
N SER C 126 -9.84 -5.64 -0.09
CA SER C 126 -9.15 -4.91 -1.15
C SER C 126 -8.05 -4.05 -0.55
N SER C 127 -6.84 -4.51 -0.84
CA SER C 127 -5.56 -3.99 -0.43
C SER C 127 -4.90 -5.35 -0.25
N GLY C 128 -5.10 -6.16 -1.27
CA GLY C 128 -4.58 -7.51 -1.29
C GLY C 128 -5.60 -8.36 -2.04
N THR C 129 -5.43 -9.67 -1.99
CA THR C 129 -6.33 -10.58 -2.68
C THR C 129 -6.72 -11.78 -1.85
N SER C 130 -8.03 -12.01 -1.81
CA SER C 130 -8.62 -13.12 -1.07
C SER C 130 -10.06 -13.24 -1.56
N TYR C 131 -10.37 -14.38 -2.19
CA TYR C 131 -11.71 -14.61 -2.69
C TYR C 131 -12.38 -15.79 -2.01
N PRO C 132 -13.51 -15.52 -1.34
CA PRO C 132 -14.34 -16.47 -0.58
C PRO C 132 -14.85 -17.69 -1.32
N ASP C 133 -14.99 -18.79 -0.59
CA ASP C 133 -15.52 -20.02 -1.15
C ASP C 133 -17.03 -19.85 -1.02
N VAL C 134 -17.42 -19.37 0.15
CA VAL C 134 -18.81 -19.17 0.49
C VAL C 134 -19.27 -17.72 0.29
N LEU C 135 -20.57 -17.53 0.12
CA LEU C 135 -21.17 -16.21 -0.12
C LEU C 135 -21.06 -15.25 1.06
N LYS C 136 -20.74 -13.99 0.76
CA LYS C 136 -20.62 -12.94 1.78
C LYS C 136 -21.72 -11.88 1.70
N CYS C 137 -22.06 -11.32 2.85
CA CYS C 137 -23.12 -10.31 2.94
C CYS C 137 -22.63 -8.99 3.56
N LEU C 138 -23.43 -7.93 3.36
CA LEU C 138 -23.13 -6.61 3.90
C LEU C 138 -24.36 -5.69 3.90
N LYS C 139 -24.64 -5.10 5.07
CA LYS C 139 -25.76 -4.18 5.27
C LYS C 139 -25.26 -2.78 4.94
N ALA C 140 -25.78 -2.18 3.87
CA ALA C 140 -25.32 -0.87 3.48
C ALA C 140 -26.47 0.08 3.21
N PRO C 141 -26.39 1.29 3.77
CA PRO C 141 -27.45 2.27 3.56
C PRO C 141 -27.19 3.10 2.32
N ILE C 142 -28.26 3.46 1.62
CA ILE C 142 -28.13 4.30 0.45
C ILE C 142 -27.58 5.63 0.96
N LEU C 143 -26.77 6.31 0.14
CA LEU C 143 -26.22 7.58 0.57
C LEU C 143 -26.82 8.71 -0.23
N SER C 144 -26.81 9.92 0.34
CA SER C 144 -27.38 11.07 -0.33
C SER C 144 -26.74 11.30 -1.68
N ASP C 145 -27.54 11.76 -2.63
CA ASP C 145 -27.07 12.01 -3.97
C ASP C 145 -25.94 13.04 -3.99
N SER C 146 -26.03 14.06 -3.14
CA SER C 146 -24.99 15.08 -3.14
C SER C 146 -23.64 14.48 -2.73
N SER C 147 -23.61 13.70 -1.65
CA SER C 147 -22.35 13.11 -1.22
C SER C 147 -21.83 12.09 -2.23
N CYS C 148 -22.72 11.54 -3.05
CA CYS C 148 -22.34 10.56 -4.07
C CYS C 148 -21.60 11.29 -5.20
N LYS C 149 -22.23 12.34 -5.71
CA LYS C 149 -21.64 13.14 -6.77
C LYS C 149 -20.33 13.77 -6.28
N SER C 150 -20.31 14.18 -5.01
CA SER C 150 -19.12 14.79 -4.40
C SER C 150 -18.00 13.76 -4.33
N ALA C 151 -18.37 12.51 -4.07
CA ALA C 151 -17.40 11.42 -3.97
C ALA C 151 -16.74 11.16 -5.31
N TYR C 152 -17.57 11.08 -6.34
CA TYR C 152 -17.09 10.83 -7.71
C TYR C 152 -17.41 12.02 -8.62
N PRO C 153 -16.53 13.03 -8.64
CA PRO C 153 -16.69 14.23 -9.46
C PRO C 153 -17.02 13.97 -10.93
N GLY C 154 -18.12 14.59 -11.39
CA GLY C 154 -18.54 14.45 -12.77
C GLY C 154 -18.74 13.04 -13.30
N GLN C 155 -19.19 12.11 -12.45
CA GLN C 155 -19.39 10.72 -12.89
C GLN C 155 -20.79 10.18 -12.66
N ILE C 156 -21.49 10.74 -11.69
CA ILE C 156 -22.82 10.28 -11.34
C ILE C 156 -23.97 10.71 -12.25
N THR C 157 -24.68 9.72 -12.77
CA THR C 157 -25.83 9.97 -13.61
C THR C 157 -27.04 9.63 -12.74
N SER C 158 -28.24 9.86 -13.27
CA SER C 158 -29.46 9.58 -12.52
C SER C 158 -29.77 8.07 -12.46
N ASN C 159 -29.02 7.29 -13.23
CA ASN C 159 -29.20 5.85 -13.24
C ASN C 159 -28.23 5.21 -12.26
N MET C 160 -27.62 6.02 -11.41
CA MET C 160 -26.66 5.54 -10.44
C MET C 160 -27.01 6.04 -9.05
N PHE C 161 -26.56 5.31 -8.05
CA PHE C 161 -26.75 5.71 -6.66
C PHE C 161 -25.68 5.05 -5.79
N CYS C 162 -25.21 5.78 -4.79
CA CYS C 162 -24.20 5.23 -3.90
C CYS C 162 -24.84 4.55 -2.71
N ALA C 163 -24.03 3.75 -2.02
CA ALA C 163 -24.47 3.02 -0.84
C ALA C 163 -23.23 2.46 -0.16
N GLY C 164 -23.27 2.38 1.16
CA GLY C 164 -22.12 1.88 1.87
C GLY C 164 -21.74 2.89 2.93
N TYR C 165 -20.44 2.99 3.21
CA TYR C 165 -19.95 3.89 4.23
C TYR C 165 -18.78 4.77 3.83
N LEU C 166 -18.97 6.09 3.95
CA LEU C 166 -17.94 7.05 3.59
C LEU C 166 -16.65 6.96 4.43
N GLU C 167 -16.64 6.13 5.47
CA GLU C 167 -15.45 5.99 6.29
C GLU C 167 -14.61 4.86 5.71
N GLY C 168 -15.27 3.95 5.01
CA GLY C 168 -14.62 2.81 4.40
C GLY C 168 -14.59 1.58 5.30
N GLY C 169 -13.94 0.52 4.84
CA GLY C 169 -13.87 -0.70 5.64
C GLY C 169 -14.99 -1.68 5.36
N LYS C 170 -16.10 -1.18 4.80
CA LYS C 170 -17.26 -2.04 4.46
C LYS C 170 -17.79 -1.56 3.10
N ASP C 171 -17.63 -2.38 2.06
CA ASP C 171 -18.06 -2.03 0.71
C ASP C 171 -18.06 -3.33 -0.10
N SER C 172 -18.56 -3.29 -1.33
CA SER C 172 -18.54 -4.47 -2.17
C SER C 172 -17.21 -4.35 -2.94
N CYS C 173 -16.89 -5.31 -3.80
CA CYS C 173 -15.61 -5.25 -4.51
C CYS C 173 -15.55 -6.07 -5.79
N GLN C 174 -14.36 -6.16 -6.39
CA GLN C 174 -14.18 -6.94 -7.61
C GLN C 174 -14.69 -8.36 -7.38
N GLY C 175 -15.64 -8.79 -8.21
CA GLY C 175 -16.20 -10.11 -8.06
C GLY C 175 -17.67 -10.05 -7.70
N ASP C 176 -18.10 -8.94 -7.11
CA ASP C 176 -19.49 -8.76 -6.71
C ASP C 176 -20.35 -8.15 -7.83
N SER C 177 -19.68 -7.65 -8.86
CA SER C 177 -20.34 -7.03 -10.00
C SER C 177 -21.55 -7.80 -10.49
N GLY C 178 -22.60 -7.08 -10.88
CA GLY C 178 -23.81 -7.73 -11.38
C GLY C 178 -24.71 -8.26 -10.28
N GLY C 179 -24.13 -8.43 -9.09
CA GLY C 179 -24.86 -8.95 -7.95
C GLY C 179 -26.03 -8.10 -7.47
N PRO C 180 -26.74 -8.54 -6.41
CA PRO C 180 -27.89 -7.81 -5.87
C PRO C 180 -27.65 -6.81 -4.72
N VAL C 181 -28.57 -5.86 -4.64
CA VAL C 181 -28.58 -4.85 -3.57
C VAL C 181 -30.07 -4.75 -3.24
N VAL C 182 -30.52 -5.50 -2.23
CA VAL C 182 -31.92 -5.51 -1.85
C VAL C 182 -32.26 -4.70 -0.61
N CYS C 183 -33.29 -3.86 -0.73
CA CYS C 183 -33.75 -3.03 0.39
C CYS C 183 -35.25 -3.28 0.57
N SER C 184 -35.66 -3.60 1.80
CA SER C 184 -37.06 -3.85 2.09
C SER C 184 -37.57 -4.87 1.07
N GLY C 185 -36.89 -6.01 0.95
CA GLY C 185 -37.27 -7.05 0.01
C GLY C 185 -37.39 -6.65 -1.44
N LYS C 186 -36.81 -5.51 -1.83
CA LYS C 186 -36.87 -5.07 -3.23
C LYS C 186 -35.46 -4.91 -3.82
N LEU C 187 -35.33 -5.27 -5.10
CA LEU C 187 -34.06 -5.15 -5.82
C LEU C 187 -33.90 -3.71 -6.27
N GLN C 188 -33.18 -2.91 -5.49
CA GLN C 188 -32.97 -1.51 -5.84
C GLN C 188 -31.72 -1.29 -6.68
N GLY C 189 -30.65 -2.02 -6.37
CA GLY C 189 -29.41 -1.86 -7.13
C GLY C 189 -28.67 -3.09 -7.63
N ILE C 190 -27.76 -2.86 -8.55
CA ILE C 190 -26.93 -3.91 -9.10
C ILE C 190 -25.52 -3.45 -8.82
N VAL C 191 -24.66 -4.36 -8.35
CA VAL C 191 -23.28 -4.00 -8.06
C VAL C 191 -22.69 -3.62 -9.41
N SER C 192 -22.16 -2.40 -9.49
CA SER C 192 -21.62 -1.89 -10.74
C SER C 192 -20.14 -1.50 -10.74
N TRP C 193 -19.82 -0.37 -10.11
CA TRP C 193 -18.44 0.12 -10.07
C TRP C 193 -18.13 0.94 -8.83
N GLY C 194 -16.90 1.43 -8.80
CA GLY C 194 -16.41 2.24 -7.69
C GLY C 194 -14.91 2.40 -7.81
N SER C 195 -14.33 3.38 -7.12
CA SER C 195 -12.88 3.58 -7.16
C SER C 195 -12.25 2.80 -6.02
N GLY C 196 -11.59 1.70 -6.38
CA GLY C 196 -10.99 0.86 -5.36
C GLY C 196 -12.10 0.13 -4.62
N CYS C 197 -11.85 -0.26 -3.36
CA CYS C 197 -12.83 -0.98 -2.57
C CYS C 197 -12.72 -0.55 -1.12
N ALA C 198 -13.84 -0.13 -0.55
CA ALA C 198 -13.91 0.29 0.85
C ALA C 198 -12.94 1.41 1.19
N GLN C 199 -12.75 2.34 0.26
CA GLN C 199 -11.88 3.47 0.50
C GLN C 199 -12.69 4.65 1.04
N LYS C 200 -12.05 5.51 1.81
CA LYS C 200 -12.72 6.68 2.36
C LYS C 200 -13.23 7.56 1.23
N ASN C 201 -14.49 7.97 1.35
CA ASN C 201 -15.14 8.83 0.35
C ASN C 201 -15.18 8.19 -1.03
N LYS C 202 -15.18 6.85 -1.03
CA LYS C 202 -15.23 6.04 -2.24
C LYS C 202 -16.24 4.90 -2.02
N PRO C 203 -17.54 5.23 -1.95
CA PRO C 203 -18.63 4.28 -1.74
C PRO C 203 -18.97 3.52 -3.02
N GLY C 204 -19.64 2.39 -2.87
CA GLY C 204 -20.00 1.62 -4.05
C GLY C 204 -21.07 2.34 -4.87
N VAL C 205 -20.96 2.26 -6.19
CA VAL C 205 -21.94 2.91 -7.05
C VAL C 205 -22.78 1.82 -7.69
N TYR C 206 -24.09 1.95 -7.61
CA TYR C 206 -24.96 0.91 -8.15
C TYR C 206 -25.96 1.41 -9.16
N THR C 207 -26.26 0.55 -10.13
CA THR C 207 -27.22 0.86 -11.17
C THR C 207 -28.57 1.05 -10.47
N LYS C 208 -29.25 2.15 -10.76
CA LYS C 208 -30.55 2.44 -10.14
C LYS C 208 -31.72 1.68 -10.77
N VAL C 209 -31.79 0.38 -10.50
CA VAL C 209 -32.84 -0.49 -11.02
C VAL C 209 -34.22 0.13 -11.25
N CYS C 210 -34.70 0.90 -10.27
CA CYS C 210 -36.03 1.49 -10.35
C CYS C 210 -36.32 2.24 -11.63
N ASN C 211 -35.27 2.76 -12.27
CA ASN C 211 -35.46 3.50 -13.51
C ASN C 211 -35.68 2.57 -14.71
N TYR C 212 -35.50 1.27 -14.52
CA TYR C 212 -35.64 0.31 -15.61
C TYR C 212 -36.79 -0.69 -15.44
N VAL C 213 -37.67 -0.46 -14.49
CA VAL C 213 -38.77 -1.38 -14.28
C VAL C 213 -39.63 -1.61 -15.53
N SER C 214 -39.96 -0.53 -16.24
CA SER C 214 -40.77 -0.67 -17.45
C SER C 214 -40.01 -1.39 -18.57
N TRP C 215 -38.70 -1.16 -18.67
CA TRP C 215 -37.87 -1.79 -19.69
C TRP C 215 -37.76 -3.29 -19.44
N ILE C 216 -37.67 -3.66 -18.16
CA ILE C 216 -37.58 -5.06 -17.77
C ILE C 216 -38.92 -5.77 -18.06
N LYS C 217 -40.03 -5.19 -17.59
CA LYS C 217 -41.34 -5.80 -17.82
C LYS C 217 -41.66 -5.87 -19.31
N GLN C 218 -40.98 -5.03 -20.09
CA GLN C 218 -41.15 -4.94 -21.54
C GLN C 218 -40.29 -5.97 -22.28
N THR C 219 -39.12 -6.28 -21.73
CA THR C 219 -38.17 -7.23 -22.32
C THR C 219 -38.55 -8.67 -22.07
N ILE C 220 -39.07 -8.93 -20.89
CA ILE C 220 -39.50 -10.25 -20.48
C ILE C 220 -40.78 -10.68 -21.20
N ALA C 221 -41.51 -9.69 -21.71
CA ALA C 221 -42.77 -9.94 -22.40
C ALA C 221 -42.62 -9.96 -23.92
N SER C 222 -41.38 -9.93 -24.41
CA SER C 222 -41.14 -9.94 -25.85
C SER C 222 -40.22 -11.07 -26.28
N ASN C 223 -39.34 -11.48 -25.39
CA ASN C 223 -38.38 -12.55 -25.67
C ASN C 223 -38.80 -13.88 -25.06
N ASP D 1 -12.01 -9.39 -31.56
CA ASP D 1 -13.17 -8.67 -31.05
C ASP D 1 -12.74 -7.63 -30.03
N ASP D 2 -13.65 -6.70 -29.71
CA ASP D 2 -13.35 -5.63 -28.77
C ASP D 2 -13.06 -6.06 -27.32
N ASP D 3 -12.96 -7.36 -27.08
CA ASP D 3 -12.65 -7.84 -25.73
C ASP D 3 -11.15 -7.70 -25.51
N LEU D 4 -10.76 -7.36 -24.29
CA LEU D 4 -9.35 -7.17 -23.96
C LEU D 4 -8.75 -8.45 -23.43
N VAL D 5 -7.68 -8.91 -24.08
CA VAL D 5 -7.03 -10.14 -23.68
C VAL D 5 -5.51 -10.02 -23.71
N ASP D 6 -4.82 -10.89 -22.97
CA ASP D 6 -3.37 -10.86 -22.94
C ASP D 6 -2.84 -11.73 -24.06
N ALA D 7 -1.52 -11.89 -24.12
CA ALA D 7 -0.85 -12.66 -25.16
C ALA D 7 -1.38 -14.07 -25.35
N GLU D 8 -1.72 -14.72 -24.24
CA GLU D 8 -2.23 -16.09 -24.27
C GLU D 8 -3.74 -16.19 -24.52
N GLY D 9 -4.39 -15.07 -24.84
CA GLY D 9 -5.81 -15.07 -25.10
C GLY D 9 -6.68 -14.97 -23.85
N ASN D 10 -6.04 -14.77 -22.70
CA ASN D 10 -6.76 -14.66 -21.44
C ASN D 10 -7.26 -13.24 -21.19
N LEU D 11 -8.41 -13.12 -20.53
CA LEU D 11 -8.96 -11.81 -20.22
C LEU D 11 -7.99 -11.16 -19.23
N VAL D 12 -8.11 -9.85 -19.07
CA VAL D 12 -7.20 -9.16 -18.16
C VAL D 12 -7.75 -9.03 -16.74
N GLU D 13 -6.96 -9.50 -15.79
CA GLU D 13 -7.32 -9.44 -14.38
C GLU D 13 -7.41 -8.00 -13.89
N ASN D 14 -8.63 -7.57 -13.55
CA ASN D 14 -8.82 -6.21 -13.06
C ASN D 14 -7.91 -5.95 -11.86
N GLY D 15 -6.93 -5.07 -12.04
CA GLY D 15 -5.99 -4.78 -10.97
C GLY D 15 -4.75 -5.63 -11.15
N GLY D 16 -4.81 -6.54 -12.12
CA GLY D 16 -3.68 -7.43 -12.38
C GLY D 16 -2.49 -6.74 -12.98
N THR D 17 -1.30 -7.25 -12.64
CA THR D 17 -0.03 -6.72 -13.13
C THR D 17 0.33 -7.33 -14.48
N TYR D 18 0.78 -6.48 -15.39
CA TYR D 18 1.18 -6.91 -16.73
C TYR D 18 2.42 -6.20 -17.29
N TYR D 19 3.02 -6.82 -18.30
CA TYR D 19 4.13 -6.20 -18.97
C TYR D 19 3.51 -5.65 -20.23
N LEU D 20 3.85 -4.42 -20.58
CA LEU D 20 3.33 -3.86 -21.81
C LEU D 20 4.47 -3.91 -22.80
N LEU D 21 4.52 -5.03 -23.53
CA LEU D 21 5.56 -5.30 -24.50
C LEU D 21 5.11 -5.06 -25.93
N PRO D 22 6.07 -5.04 -26.87
CA PRO D 22 5.74 -4.84 -28.29
C PRO D 22 5.58 -6.23 -28.88
N HIS D 23 5.00 -6.34 -30.08
CA HIS D 23 4.91 -7.65 -30.74
C HIS D 23 6.23 -7.74 -31.52
N ILE D 24 6.58 -8.90 -32.06
CA ILE D 24 7.87 -9.01 -32.76
C ILE D 24 8.18 -8.03 -33.87
N TRP D 25 7.17 -7.45 -34.51
CA TRP D 25 7.43 -6.53 -35.61
C TRP D 25 7.58 -5.09 -35.15
N ALA D 26 8.42 -4.89 -34.14
CA ALA D 26 8.68 -3.57 -33.58
C ALA D 26 10.01 -3.49 -32.85
N HIS D 27 10.47 -2.27 -32.61
CA HIS D 27 11.74 -2.04 -31.91
C HIS D 27 11.45 -1.66 -30.45
N GLY D 28 12.47 -1.77 -29.62
CA GLY D 28 12.33 -1.43 -28.21
C GLY D 28 11.84 -2.59 -27.33
N GLY D 29 11.60 -2.29 -26.06
CA GLY D 29 11.11 -3.31 -25.14
C GLY D 29 9.82 -2.87 -24.46
N GLY D 30 9.66 -3.23 -23.18
CA GLY D 30 8.46 -2.86 -22.44
C GLY D 30 8.39 -1.40 -22.00
N ILE D 31 7.38 -1.07 -21.21
CA ILE D 31 7.20 0.30 -20.74
C ILE D 31 8.03 0.57 -19.49
N GLU D 32 8.72 1.72 -19.52
CA GLU D 32 9.61 2.14 -18.43
C GLU D 32 9.39 3.60 -18.06
N THR D 33 10.29 4.11 -17.24
CA THR D 33 10.26 5.48 -16.79
C THR D 33 11.56 6.16 -17.20
N ALA D 34 11.54 7.49 -17.21
CA ALA D 34 12.72 8.26 -17.57
C ALA D 34 12.69 9.57 -16.82
N LYS D 35 13.86 10.16 -16.64
CA LYS D 35 14.01 11.40 -15.91
C LYS D 35 14.25 12.56 -16.87
N THR D 36 13.17 13.23 -17.27
CA THR D 36 13.25 14.37 -18.19
C THR D 36 12.81 15.62 -17.46
N GLY D 37 13.21 16.79 -17.97
CA GLY D 37 12.82 18.03 -17.31
C GLY D 37 13.47 18.18 -15.95
N ASN D 38 12.75 18.84 -15.04
CA ASN D 38 13.25 19.05 -13.68
C ASN D 38 12.91 17.90 -12.74
N GLU D 39 12.29 16.86 -13.29
CA GLU D 39 11.89 15.69 -12.52
C GLU D 39 13.04 15.23 -11.62
N PRO D 40 12.76 15.03 -10.31
CA PRO D 40 13.74 14.58 -9.32
C PRO D 40 14.03 13.09 -9.43
N CYS D 41 13.09 12.36 -10.02
CA CYS D 41 13.22 10.93 -10.23
C CYS D 41 12.58 10.64 -11.61
N PRO D 42 12.67 9.39 -12.09
CA PRO D 42 12.07 9.09 -13.40
C PRO D 42 10.54 9.22 -13.38
N LEU D 43 10.00 10.28 -13.99
CA LEU D 43 8.55 10.47 -14.02
C LEU D 43 7.94 10.48 -15.42
N THR D 44 8.77 10.15 -16.42
CA THR D 44 8.34 10.13 -17.80
C THR D 44 8.10 8.70 -18.30
N VAL D 45 6.90 8.43 -18.82
CA VAL D 45 6.55 7.10 -19.33
C VAL D 45 7.07 6.96 -20.75
N VAL D 46 7.96 6.01 -20.95
CA VAL D 46 8.57 5.82 -22.25
C VAL D 46 8.62 4.35 -22.63
N ARG D 47 9.04 4.07 -23.87
CA ARG D 47 9.17 2.69 -24.35
C ARG D 47 10.65 2.37 -24.28
N SER D 48 10.99 1.30 -23.55
CA SER D 48 12.37 0.90 -23.37
C SER D 48 13.12 0.75 -24.67
N PRO D 49 14.40 1.16 -24.69
CA PRO D 49 15.20 1.05 -25.90
C PRO D 49 15.73 -0.38 -26.07
N ASN D 50 15.72 -1.16 -25.00
CA ASN D 50 16.24 -2.53 -25.05
C ASN D 50 15.24 -3.63 -25.43
N GLU D 51 15.31 -4.07 -26.69
CA GLU D 51 14.46 -5.12 -27.23
C GLU D 51 14.35 -6.34 -26.31
N VAL D 52 15.32 -6.48 -25.41
CA VAL D 52 15.33 -7.61 -24.49
C VAL D 52 14.60 -7.37 -23.16
N SER D 53 14.43 -6.12 -22.76
CA SER D 53 13.75 -5.85 -21.49
C SER D 53 12.23 -5.89 -21.53
N LYS D 54 11.65 -6.56 -20.54
CA LYS D 54 10.20 -6.68 -20.43
C LYS D 54 9.63 -5.35 -19.96
N GLY D 55 10.49 -4.49 -19.41
CA GLY D 55 10.03 -3.21 -18.91
C GLY D 55 9.55 -3.30 -17.46
N GLU D 56 8.69 -2.37 -17.06
CA GLU D 56 8.14 -2.35 -15.70
C GLU D 56 6.77 -3.03 -15.69
N PRO D 57 6.47 -3.79 -14.65
CA PRO D 57 5.15 -4.43 -14.60
C PRO D 57 4.09 -3.35 -14.38
N ILE D 58 3.02 -3.37 -15.18
CA ILE D 58 1.97 -2.36 -15.10
C ILE D 58 0.64 -2.79 -14.51
N ARG D 59 0.17 -2.03 -13.52
CA ARG D 59 -1.10 -2.30 -12.87
C ARG D 59 -2.20 -1.71 -13.74
N ILE D 60 -3.14 -2.54 -14.18
CA ILE D 60 -4.25 -2.11 -15.02
C ILE D 60 -5.56 -2.19 -14.25
N SER D 61 -6.23 -1.05 -14.08
CA SER D 61 -7.48 -1.03 -13.32
C SER D 61 -8.72 -0.49 -14.02
N SER D 62 -9.87 -1.06 -13.67
CA SER D 62 -11.15 -0.61 -14.19
C SER D 62 -12.05 -0.39 -13.00
N GLN D 63 -12.87 0.66 -13.05
CA GLN D 63 -13.78 0.94 -11.95
C GLN D 63 -14.87 -0.14 -11.82
N PHE D 64 -15.23 -0.77 -12.93
CA PHE D 64 -16.24 -1.82 -12.86
C PHE D 64 -15.76 -2.88 -11.85
N ARG D 65 -16.68 -3.32 -10.99
CA ARG D 65 -16.32 -4.32 -9.99
C ARG D 65 -16.40 -5.76 -10.48
N SER D 66 -15.88 -5.99 -11.68
CA SER D 66 -15.81 -7.32 -12.29
C SER D 66 -14.38 -7.83 -12.10
N LEU D 67 -14.18 -9.14 -12.24
CA LEU D 67 -12.84 -9.73 -12.06
C LEU D 67 -11.94 -9.46 -13.24
N PHE D 68 -12.56 -9.08 -14.35
CA PHE D 68 -11.86 -8.82 -15.61
C PHE D 68 -12.09 -7.40 -16.06
N ILE D 69 -11.37 -6.95 -17.06
CA ILE D 69 -11.59 -5.61 -17.59
C ILE D 69 -12.71 -5.77 -18.61
N PRO D 70 -13.80 -5.02 -18.44
CA PRO D 70 -14.88 -5.17 -19.41
C PRO D 70 -14.52 -4.55 -20.74
N ARG D 71 -15.28 -4.90 -21.78
CA ARG D 71 -15.05 -4.37 -23.13
C ARG D 71 -15.33 -2.88 -23.08
N GLY D 72 -14.60 -2.11 -23.87
CA GLY D 72 -14.80 -0.67 -23.93
C GLY D 72 -14.74 0.07 -22.61
N SER D 73 -14.18 -0.56 -21.59
CA SER D 73 -14.09 0.13 -20.30
C SER D 73 -12.85 1.00 -20.31
N LEU D 74 -12.89 2.09 -19.58
CA LEU D 74 -11.71 2.93 -19.50
C LEU D 74 -10.89 2.23 -18.43
N VAL D 75 -9.59 2.45 -18.44
CA VAL D 75 -8.73 1.85 -17.44
C VAL D 75 -7.72 2.84 -16.94
N ALA D 76 -7.27 2.61 -15.72
CA ALA D 76 -6.26 3.45 -15.13
C ALA D 76 -5.03 2.60 -15.34
N LEU D 77 -3.91 3.23 -15.66
CA LEU D 77 -2.65 2.53 -15.88
C LEU D 77 -1.56 3.06 -14.93
N GLY D 78 -0.93 2.17 -14.17
CA GLY D 78 0.11 2.63 -13.27
C GLY D 78 1.22 1.62 -13.00
N PHE D 79 2.39 2.10 -12.62
CA PHE D 79 3.51 1.21 -12.32
C PHE D 79 3.28 0.55 -10.97
N ALA D 80 3.33 -0.77 -10.94
CA ALA D 80 3.15 -1.50 -9.69
C ALA D 80 4.31 -1.21 -8.74
N ASN D 81 5.46 -0.89 -9.30
CA ASN D 81 6.62 -0.57 -8.49
C ASN D 81 7.15 0.80 -8.88
N PRO D 82 6.34 1.85 -8.67
CA PRO D 82 6.66 3.24 -8.99
C PRO D 82 7.89 3.78 -8.28
N PRO D 83 8.42 4.91 -8.76
CA PRO D 83 9.59 5.53 -8.16
C PRO D 83 9.16 6.37 -6.98
N SER D 84 10.03 6.53 -5.99
CA SER D 84 9.69 7.33 -4.83
C SER D 84 9.90 8.81 -5.15
N CYS D 85 8.82 9.53 -5.38
CA CYS D 85 8.83 10.96 -5.69
C CYS D 85 7.56 11.21 -6.49
N ALA D 86 6.90 10.11 -6.81
CA ALA D 86 5.63 10.14 -7.51
C ALA D 86 4.60 10.00 -6.40
N ALA D 87 3.64 10.91 -6.35
CA ALA D 87 2.60 10.86 -5.33
C ALA D 87 1.82 9.55 -5.38
N SER D 88 1.50 9.11 -6.60
CA SER D 88 0.79 7.86 -6.81
C SER D 88 1.45 7.19 -8.02
N PRO D 89 1.07 5.94 -8.33
CA PRO D 89 1.70 5.30 -9.47
C PRO D 89 0.93 5.44 -10.76
N TRP D 90 -0.16 6.20 -10.74
CA TRP D 90 -0.96 6.34 -11.96
C TRP D 90 -0.41 7.25 -13.05
N TRP D 91 -0.52 6.77 -14.29
CA TRP D 91 -0.08 7.54 -15.42
C TRP D 91 -1.13 8.62 -15.62
N THR D 92 -0.72 9.72 -16.22
CA THR D 92 -1.61 10.82 -16.49
C THR D 92 -1.09 11.51 -17.75
N VAL D 93 -2.00 12.09 -18.52
CA VAL D 93 -1.62 12.82 -19.71
C VAL D 93 -1.51 14.29 -19.30
N VAL D 94 -0.34 14.89 -19.48
CA VAL D 94 -0.17 16.29 -19.11
C VAL D 94 0.30 17.09 -20.30
N ASP D 95 0.05 18.39 -20.28
CA ASP D 95 0.46 19.25 -21.38
C ASP D 95 1.97 19.47 -21.29
N SER D 96 2.62 19.60 -22.44
CA SER D 96 4.08 19.80 -22.44
C SER D 96 4.62 20.21 -23.81
N PRO D 97 5.87 20.68 -23.85
CA PRO D 97 6.53 21.11 -25.09
C PRO D 97 6.54 20.04 -26.18
N GLN D 98 6.35 18.79 -25.79
CA GLN D 98 6.34 17.69 -26.76
C GLN D 98 4.91 17.26 -27.08
N GLY D 99 3.93 18.04 -26.63
CA GLY D 99 2.53 17.71 -26.84
C GLY D 99 1.99 17.01 -25.59
N PRO D 100 0.75 16.47 -25.61
CA PRO D 100 0.21 15.79 -24.44
C PRO D 100 1.08 14.57 -24.11
N ALA D 101 1.72 14.60 -22.94
CA ALA D 101 2.61 13.53 -22.55
C ALA D 101 2.16 12.67 -21.35
N VAL D 102 2.46 11.37 -21.45
CA VAL D 102 2.11 10.41 -20.40
C VAL D 102 3.19 10.48 -19.34
N LYS D 103 2.82 10.96 -18.16
CA LYS D 103 3.77 11.09 -17.08
C LYS D 103 3.21 10.61 -15.75
N LEU D 104 4.10 10.59 -14.75
CA LEU D 104 3.74 10.23 -13.40
C LEU D 104 3.72 11.61 -12.75
N SER D 105 3.07 11.76 -11.61
CA SER D 105 3.00 13.08 -10.97
C SER D 105 3.49 13.10 -9.52
N GLN D 106 4.04 14.24 -9.12
CA GLN D 106 4.51 14.41 -7.74
C GLN D 106 3.34 14.91 -6.91
N GLN D 107 2.17 15.02 -7.53
CA GLN D 107 0.97 15.48 -6.86
C GLN D 107 -0.17 14.53 -7.09
N LYS D 108 -1.00 14.35 -6.07
CA LYS D 108 -2.16 13.48 -6.21
C LYS D 108 -2.97 13.98 -7.39
N LEU D 109 -3.47 13.05 -8.18
CA LEU D 109 -4.24 13.40 -9.36
C LEU D 109 -5.72 13.10 -9.24
N PRO D 110 -6.57 14.09 -9.58
CA PRO D 110 -8.01 13.85 -9.49
C PRO D 110 -8.31 12.67 -10.41
N GLU D 111 -9.18 11.77 -9.96
CA GLU D 111 -9.51 10.60 -10.75
C GLU D 111 -9.74 10.85 -12.23
N LYS D 112 -10.24 12.04 -12.57
CA LYS D 112 -10.50 12.37 -13.98
C LYS D 112 -9.25 12.52 -14.83
N ASP D 113 -8.10 12.69 -14.16
CA ASP D 113 -6.82 12.86 -14.85
C ASP D 113 -6.06 11.55 -14.98
N ILE D 114 -6.65 10.47 -14.49
CA ILE D 114 -6.01 9.16 -14.57
C ILE D 114 -6.92 8.16 -15.25
N LEU D 115 -8.23 8.40 -15.15
CA LEU D 115 -9.22 7.55 -15.81
C LEU D 115 -9.35 8.16 -17.19
N VAL D 116 -8.29 7.99 -17.98
CA VAL D 116 -8.20 8.55 -19.31
C VAL D 116 -7.68 7.60 -20.40
N PHE D 117 -7.62 6.30 -20.10
CA PHE D 117 -7.12 5.33 -21.06
C PHE D 117 -8.12 4.29 -21.49
N LYS D 118 -7.89 3.72 -22.66
CA LYS D 118 -8.75 2.70 -23.24
C LYS D 118 -7.98 1.94 -24.30
N PHE D 119 -8.00 0.62 -24.19
CA PHE D 119 -7.30 -0.21 -25.17
C PHE D 119 -8.17 -0.44 -26.39
N GLU D 120 -7.55 -0.85 -27.49
CA GLU D 120 -8.28 -1.09 -28.72
C GLU D 120 -7.62 -2.21 -29.51
N LYS D 121 -8.41 -3.23 -29.83
CA LYS D 121 -7.93 -4.39 -30.57
C LYS D 121 -7.49 -3.92 -31.95
N VAL D 122 -6.52 -4.60 -32.55
CA VAL D 122 -6.07 -4.22 -33.89
C VAL D 122 -6.51 -5.24 -34.95
N SER D 123 -7.76 -5.09 -35.37
CA SER D 123 -8.41 -5.92 -36.39
C SER D 123 -7.90 -7.34 -36.68
N HIS D 124 -6.73 -7.46 -37.32
CA HIS D 124 -6.23 -8.78 -37.67
C HIS D 124 -5.57 -9.64 -36.59
N SER D 125 -5.74 -10.95 -36.74
CA SER D 125 -5.26 -11.93 -35.76
C SER D 125 -4.03 -12.77 -36.10
N ASN D 126 -3.49 -13.35 -35.03
CA ASN D 126 -2.32 -14.21 -34.96
C ASN D 126 -1.68 -13.78 -33.65
N ILE D 127 -1.74 -12.47 -33.40
CA ILE D 127 -1.21 -11.87 -32.18
C ILE D 127 -2.35 -11.03 -31.59
N HIS D 128 -2.46 -11.01 -30.26
CA HIS D 128 -3.49 -10.21 -29.61
C HIS D 128 -2.89 -8.85 -29.28
N VAL D 129 -2.89 -7.99 -30.29
CA VAL D 129 -2.31 -6.65 -30.17
C VAL D 129 -3.38 -5.58 -30.01
N TYR D 130 -3.05 -4.57 -29.21
CA TYR D 130 -3.97 -3.48 -28.93
C TYR D 130 -3.24 -2.16 -28.98
N LYS D 131 -3.97 -1.12 -29.35
CA LYS D 131 -3.45 0.25 -29.40
C LYS D 131 -3.98 0.91 -28.14
N LEU D 132 -3.48 2.09 -27.82
CA LEU D 132 -3.94 2.75 -26.61
C LEU D 132 -4.61 4.08 -26.92
N LEU D 133 -5.80 4.27 -26.37
CA LEU D 133 -6.52 5.50 -26.59
C LEU D 133 -6.45 6.41 -25.37
N TYR D 134 -6.51 7.71 -25.63
CA TYR D 134 -6.51 8.72 -24.58
C TYR D 134 -7.91 9.30 -24.71
N CYS D 135 -8.65 9.31 -23.60
CA CYS D 135 -10.02 9.80 -23.61
C CYS D 135 -10.17 11.12 -22.86
N GLN D 136 -11.22 11.85 -23.21
CA GLN D 136 -11.50 13.13 -22.57
C GLN D 136 -12.97 13.30 -22.24
N HIS D 137 -13.24 14.17 -21.29
CA HIS D 137 -14.59 14.47 -20.83
C HIS D 137 -15.30 15.62 -21.55
N ASP D 138 -16.41 15.30 -22.21
CA ASP D 138 -17.21 16.31 -22.90
C ASP D 138 -18.32 16.46 -21.89
N GLU D 139 -17.89 16.58 -20.63
CA GLU D 139 -18.75 16.72 -19.48
C GLU D 139 -19.48 15.41 -19.16
N GLU D 140 -20.66 15.13 -19.73
CA GLU D 140 -21.32 13.86 -19.42
C GLU D 140 -20.54 12.71 -20.02
N ASP D 141 -20.73 12.51 -21.32
CA ASP D 141 -20.08 11.44 -22.07
C ASP D 141 -18.57 11.61 -22.29
N VAL D 142 -17.88 10.48 -22.24
CA VAL D 142 -16.43 10.41 -22.39
C VAL D 142 -16.10 9.96 -23.81
N LYS D 143 -15.16 10.64 -24.47
CA LYS D 143 -14.78 10.23 -25.81
C LYS D 143 -13.32 9.83 -25.88
N CYS D 144 -13.02 8.83 -26.70
CA CYS D 144 -11.67 8.32 -26.86
C CYS D 144 -11.33 8.32 -28.33
N ASP D 145 -11.08 9.48 -28.90
CA ASP D 145 -10.74 9.56 -30.30
C ASP D 145 -9.38 10.21 -30.50
N GLN D 146 -8.36 9.57 -29.95
CA GLN D 146 -6.97 10.00 -30.03
C GLN D 146 -6.07 8.89 -29.48
N TYR D 147 -5.05 8.54 -30.23
CA TYR D 147 -4.15 7.49 -29.80
C TYR D 147 -2.92 7.99 -29.08
N ILE D 148 -2.21 7.06 -28.46
CA ILE D 148 -0.98 7.37 -27.78
C ILE D 148 0.08 6.84 -28.73
N GLY D 149 1.14 7.61 -28.95
CA GLY D 149 2.18 7.18 -29.84
C GLY D 149 3.56 7.35 -29.22
N ILE D 150 4.58 7.11 -30.01
CA ILE D 150 5.96 7.25 -29.55
C ILE D 150 6.61 8.46 -30.19
N HIS D 151 7.24 9.29 -29.38
CA HIS D 151 7.96 10.46 -29.86
C HIS D 151 9.33 10.47 -29.21
N ARG D 152 10.33 10.00 -29.94
CA ARG D 152 11.70 9.96 -29.46
C ARG D 152 12.14 11.39 -29.24
N ASP D 153 12.74 11.67 -28.08
CA ASP D 153 13.20 13.01 -27.75
C ASP D 153 14.73 13.14 -27.91
N ARG D 154 15.24 14.34 -27.71
CA ARG D 154 16.67 14.66 -27.84
C ARG D 154 17.60 13.64 -27.20
N ASN D 155 17.27 13.21 -25.99
CA ASN D 155 18.11 12.28 -25.24
C ASN D 155 17.91 10.80 -25.56
N GLY D 156 17.10 10.53 -26.58
CA GLY D 156 16.85 9.16 -26.98
C GLY D 156 15.65 8.45 -26.37
N ASN D 157 15.02 9.03 -25.37
CA ASN D 157 13.86 8.39 -24.75
C ASN D 157 12.68 8.35 -25.71
N ARG D 158 12.06 7.18 -25.86
CA ARG D 158 10.91 7.05 -26.74
C ARG D 158 9.68 7.33 -25.87
N ARG D 159 9.33 8.61 -25.76
CA ARG D 159 8.21 9.05 -24.96
C ARG D 159 6.86 8.65 -25.50
N LEU D 160 5.96 8.30 -24.58
CA LEU D 160 4.60 7.95 -24.94
C LEU D 160 3.81 9.27 -24.92
N VAL D 161 3.31 9.66 -26.08
CA VAL D 161 2.56 10.91 -26.19
C VAL D 161 1.35 10.78 -27.12
N VAL D 162 0.43 11.74 -27.04
CA VAL D 162 -0.76 11.73 -27.89
C VAL D 162 -0.30 12.29 -29.23
N THR D 163 0.07 11.40 -30.15
CA THR D 163 0.57 11.81 -31.47
C THR D 163 -0.42 11.66 -32.61
N GLU D 164 -0.33 12.56 -33.59
CA GLU D 164 -1.20 12.52 -34.76
C GLU D 164 -1.08 11.14 -35.40
N GLU D 165 0.15 10.63 -35.47
CA GLU D 165 0.39 9.33 -36.09
C GLU D 165 1.50 8.55 -35.38
N ASN D 166 1.84 7.38 -35.93
CA ASN D 166 2.88 6.51 -35.38
C ASN D 166 2.40 5.85 -34.10
N PRO D 167 1.18 5.29 -34.12
CA PRO D 167 0.48 4.62 -33.03
C PRO D 167 1.23 3.52 -32.29
N LEU D 168 1.13 3.57 -30.98
CA LEU D 168 1.76 2.63 -30.08
C LEU D 168 0.96 1.33 -30.02
N GLU D 169 1.65 0.21 -30.25
CA GLU D 169 1.01 -1.11 -30.24
C GLU D 169 1.56 -1.99 -29.11
N LEU D 170 0.63 -2.58 -28.35
CA LEU D 170 0.94 -3.42 -27.20
C LEU D 170 0.35 -4.82 -27.15
N VAL D 171 1.14 -5.72 -26.55
CA VAL D 171 0.79 -7.11 -26.32
C VAL D 171 1.01 -7.19 -24.83
N LEU D 172 -0.01 -7.58 -24.09
CA LEU D 172 0.03 -7.64 -22.64
C LEU D 172 0.43 -9.01 -22.10
N LEU D 173 1.52 -9.07 -21.35
CA LEU D 173 1.97 -10.33 -20.78
C LEU D 173 1.86 -10.32 -19.26
N LYS D 174 1.19 -11.33 -18.71
CA LYS D 174 1.00 -11.42 -17.27
C LYS D 174 2.31 -11.42 -16.49
N ALA D 175 2.36 -10.62 -15.43
CA ALA D 175 3.52 -10.52 -14.57
C ALA D 175 3.15 -11.09 -13.20
CA CA E . 14.05 -21.20 21.15
NI NI F . 2.41 18.31 31.55
CA CA G . -21.89 -25.09 -4.67
#